data_1KAN
# 
_entry.id   1KAN 
# 
_audit_conform.dict_name       mmcif_pdbx.dic 
_audit_conform.dict_version    5.386 
_audit_conform.dict_location   http://mmcif.pdb.org/dictionaries/ascii/mmcif_pdbx.dic 
# 
loop_
_database_2.database_id 
_database_2.database_code 
_database_2.pdbx_database_accession 
_database_2.pdbx_DOI 
PDB   1KAN         pdb_00001kan 10.2210/pdb1kan/pdb 
WWPDB D_1000174387 ?            ?                   
# 
loop_
_pdbx_audit_revision_history.ordinal 
_pdbx_audit_revision_history.data_content_type 
_pdbx_audit_revision_history.major_revision 
_pdbx_audit_revision_history.minor_revision 
_pdbx_audit_revision_history.revision_date 
1 'Structure model' 1 0 1994-08-31 
2 'Structure model' 1 1 2008-03-24 
3 'Structure model' 1 2 2011-07-13 
4 'Structure model' 1 3 2024-02-07 
# 
_pdbx_audit_revision_details.ordinal             1 
_pdbx_audit_revision_details.revision_ordinal    1 
_pdbx_audit_revision_details.data_content_type   'Structure model' 
_pdbx_audit_revision_details.provider            repository 
_pdbx_audit_revision_details.type                'Initial release' 
_pdbx_audit_revision_details.description         ? 
_pdbx_audit_revision_details.details             ? 
# 
loop_
_pdbx_audit_revision_group.ordinal 
_pdbx_audit_revision_group.revision_ordinal 
_pdbx_audit_revision_group.data_content_type 
_pdbx_audit_revision_group.group 
1 2 'Structure model' 'Version format compliance' 
2 3 'Structure model' 'Version format compliance' 
3 4 'Structure model' 'Data collection'           
4 4 'Structure model' 'Database references'       
5 4 'Structure model' Other                       
# 
loop_
_pdbx_audit_revision_category.ordinal 
_pdbx_audit_revision_category.revision_ordinal 
_pdbx_audit_revision_category.data_content_type 
_pdbx_audit_revision_category.category 
1 4 'Structure model' chem_comp_atom       
2 4 'Structure model' chem_comp_bond       
3 4 'Structure model' database_2           
4 4 'Structure model' pdbx_database_status 
5 4 'Structure model' struct_ref_seq_dif   
# 
loop_
_pdbx_audit_revision_item.ordinal 
_pdbx_audit_revision_item.revision_ordinal 
_pdbx_audit_revision_item.data_content_type 
_pdbx_audit_revision_item.item 
1 4 'Structure model' '_database_2.pdbx_DOI'                
2 4 'Structure model' '_database_2.pdbx_database_accession' 
3 4 'Structure model' '_pdbx_database_status.process_site'  
4 4 'Structure model' '_struct_ref_seq_dif.details'         
# 
_pdbx_database_status.status_code                     REL 
_pdbx_database_status.entry_id                        1KAN 
_pdbx_database_status.recvd_initial_deposition_date   1993-08-13 
_pdbx_database_status.deposit_site                    ? 
_pdbx_database_status.process_site                    BNL 
_pdbx_database_status.SG_entry                        . 
_pdbx_database_status.pdb_format_compatible           Y 
_pdbx_database_status.status_code_mr                  ? 
_pdbx_database_status.status_code_sf                  ? 
_pdbx_database_status.status_code_cs                  ? 
_pdbx_database_status.status_code_nmr_data            ? 
_pdbx_database_status.methods_development_category    ? 
# 
loop_
_audit_author.name 
_audit_author.pdbx_ordinal 
'Holden, H.M.' 1 
'Rayment, I.'  2 
'Sakon, J.'    3 
# 
_citation.id                        primary 
_citation.title                     'Molecular structure of kanamycin nucleotidyltransferase determined to 3.0-A resolution.' 
_citation.journal_abbrev            Biochemistry 
_citation.journal_volume            32 
_citation.page_first                11977 
_citation.page_last                 11984 
_citation.year                      1993 
_citation.journal_id_ASTM           BICHAW 
_citation.country                   US 
_citation.journal_id_ISSN           0006-2960 
_citation.journal_id_CSD            0033 
_citation.book_publisher            ? 
_citation.pdbx_database_id_PubMed   8218273 
_citation.pdbx_database_id_DOI      10.1021/bi00096a006 
# 
loop_
_citation_author.citation_id 
_citation_author.name 
_citation_author.ordinal 
_citation_author.identifier_ORCID 
primary 'Sakon, J.'      1 ? 
primary 'Liao, H.H.'     2 ? 
primary 'Kanikula, A.M.' 3 ? 
primary 'Benning, M.M.'  4 ? 
primary 'Rayment, I.'    5 ? 
primary 'Holden, H.M.'   6 ? 
# 
_entity.id                         1 
_entity.type                       polymer 
_entity.src_method                 man 
_entity.pdbx_description           'KANAMYCIN NUCLEOTIDYLTRANSFERASE' 
_entity.formula_weight             28901.689 
_entity.pdbx_number_of_molecules   2 
_entity.pdbx_ec                    2.7.7.- 
_entity.pdbx_mutation              ? 
_entity.pdbx_fragment              ? 
_entity.details                    ? 
# 
_entity_poly.entity_id                      1 
_entity_poly.type                           'polypeptide(L)' 
_entity_poly.nstd_linkage                   no 
_entity_poly.nstd_monomer                   no 
_entity_poly.pdbx_seq_one_letter_code       
;MNGPIIMTREERMKIVHEIKERILDKYGDDVKAIGVYGSLGRQTDGPYSDIEMMCVMSTEEAEFSHEWTTGEWKVEVNFY
SEEILLDYASQVESDWPLTHGQFFSILPIYDSGGYLEKVYQTAKSVEAQKFHDAICALIVEELFEYAGKWRNIRVQGPTT
FLPSLTVQVAMAGAMLIGLHHRICYTTSASVLTEAVKQSDLPSGYDHLCQFVMSGQLSDSEKLLESLENFWNGIQEWTER
HGYIVDVSKRIPF
;
_entity_poly.pdbx_seq_one_letter_code_can   
;MNGPIIMTREERMKIVHEIKERILDKYGDDVKAIGVYGSLGRQTDGPYSDIEMMCVMSTEEAEFSHEWTTGEWKVEVNFY
SEEILLDYASQVESDWPLTHGQFFSILPIYDSGGYLEKVYQTAKSVEAQKFHDAICALIVEELFEYAGKWRNIRVQGPTT
FLPSLTVQVAMAGAMLIGLHHRICYTTSASVLTEAVKQSDLPSGYDHLCQFVMSGQLSDSEKLLESLENFWNGIQEWTER
HGYIVDVSKRIPF
;
_entity_poly.pdbx_strand_id                 A,B 
_entity_poly.pdbx_target_identifier         ? 
# 
loop_
_entity_poly_seq.entity_id 
_entity_poly_seq.num 
_entity_poly_seq.mon_id 
_entity_poly_seq.hetero 
1 1   MET n 
1 2   ASN n 
1 3   GLY n 
1 4   PRO n 
1 5   ILE n 
1 6   ILE n 
1 7   MET n 
1 8   THR n 
1 9   ARG n 
1 10  GLU n 
1 11  GLU n 
1 12  ARG n 
1 13  MET n 
1 14  LYS n 
1 15  ILE n 
1 16  VAL n 
1 17  HIS n 
1 18  GLU n 
1 19  ILE n 
1 20  LYS n 
1 21  GLU n 
1 22  ARG n 
1 23  ILE n 
1 24  LEU n 
1 25  ASP n 
1 26  LYS n 
1 27  TYR n 
1 28  GLY n 
1 29  ASP n 
1 30  ASP n 
1 31  VAL n 
1 32  LYS n 
1 33  ALA n 
1 34  ILE n 
1 35  GLY n 
1 36  VAL n 
1 37  TYR n 
1 38  GLY n 
1 39  SER n 
1 40  LEU n 
1 41  GLY n 
1 42  ARG n 
1 43  GLN n 
1 44  THR n 
1 45  ASP n 
1 46  GLY n 
1 47  PRO n 
1 48  TYR n 
1 49  SER n 
1 50  ASP n 
1 51  ILE n 
1 52  GLU n 
1 53  MET n 
1 54  MET n 
1 55  CYS n 
1 56  VAL n 
1 57  MET n 
1 58  SER n 
1 59  THR n 
1 60  GLU n 
1 61  GLU n 
1 62  ALA n 
1 63  GLU n 
1 64  PHE n 
1 65  SER n 
1 66  HIS n 
1 67  GLU n 
1 68  TRP n 
1 69  THR n 
1 70  THR n 
1 71  GLY n 
1 72  GLU n 
1 73  TRP n 
1 74  LYS n 
1 75  VAL n 
1 76  GLU n 
1 77  VAL n 
1 78  ASN n 
1 79  PHE n 
1 80  TYR n 
1 81  SER n 
1 82  GLU n 
1 83  GLU n 
1 84  ILE n 
1 85  LEU n 
1 86  LEU n 
1 87  ASP n 
1 88  TYR n 
1 89  ALA n 
1 90  SER n 
1 91  GLN n 
1 92  VAL n 
1 93  GLU n 
1 94  SER n 
1 95  ASP n 
1 96  TRP n 
1 97  PRO n 
1 98  LEU n 
1 99  THR n 
1 100 HIS n 
1 101 GLY n 
1 102 GLN n 
1 103 PHE n 
1 104 PHE n 
1 105 SER n 
1 106 ILE n 
1 107 LEU n 
1 108 PRO n 
1 109 ILE n 
1 110 TYR n 
1 111 ASP n 
1 112 SER n 
1 113 GLY n 
1 114 GLY n 
1 115 TYR n 
1 116 LEU n 
1 117 GLU n 
1 118 LYS n 
1 119 VAL n 
1 120 TYR n 
1 121 GLN n 
1 122 THR n 
1 123 ALA n 
1 124 LYS n 
1 125 SER n 
1 126 VAL n 
1 127 GLU n 
1 128 ALA n 
1 129 GLN n 
1 130 LYS n 
1 131 PHE n 
1 132 HIS n 
1 133 ASP n 
1 134 ALA n 
1 135 ILE n 
1 136 CYS n 
1 137 ALA n 
1 138 LEU n 
1 139 ILE n 
1 140 VAL n 
1 141 GLU n 
1 142 GLU n 
1 143 LEU n 
1 144 PHE n 
1 145 GLU n 
1 146 TYR n 
1 147 ALA n 
1 148 GLY n 
1 149 LYS n 
1 150 TRP n 
1 151 ARG n 
1 152 ASN n 
1 153 ILE n 
1 154 ARG n 
1 155 VAL n 
1 156 GLN n 
1 157 GLY n 
1 158 PRO n 
1 159 THR n 
1 160 THR n 
1 161 PHE n 
1 162 LEU n 
1 163 PRO n 
1 164 SER n 
1 165 LEU n 
1 166 THR n 
1 167 VAL n 
1 168 GLN n 
1 169 VAL n 
1 170 ALA n 
1 171 MET n 
1 172 ALA n 
1 173 GLY n 
1 174 ALA n 
1 175 MET n 
1 176 LEU n 
1 177 ILE n 
1 178 GLY n 
1 179 LEU n 
1 180 HIS n 
1 181 HIS n 
1 182 ARG n 
1 183 ILE n 
1 184 CYS n 
1 185 TYR n 
1 186 THR n 
1 187 THR n 
1 188 SER n 
1 189 ALA n 
1 190 SER n 
1 191 VAL n 
1 192 LEU n 
1 193 THR n 
1 194 GLU n 
1 195 ALA n 
1 196 VAL n 
1 197 LYS n 
1 198 GLN n 
1 199 SER n 
1 200 ASP n 
1 201 LEU n 
1 202 PRO n 
1 203 SER n 
1 204 GLY n 
1 205 TYR n 
1 206 ASP n 
1 207 HIS n 
1 208 LEU n 
1 209 CYS n 
1 210 GLN n 
1 211 PHE n 
1 212 VAL n 
1 213 MET n 
1 214 SER n 
1 215 GLY n 
1 216 GLN n 
1 217 LEU n 
1 218 SER n 
1 219 ASP n 
1 220 SER n 
1 221 GLU n 
1 222 LYS n 
1 223 LEU n 
1 224 LEU n 
1 225 GLU n 
1 226 SER n 
1 227 LEU n 
1 228 GLU n 
1 229 ASN n 
1 230 PHE n 
1 231 TRP n 
1 232 ASN n 
1 233 GLY n 
1 234 ILE n 
1 235 GLN n 
1 236 GLU n 
1 237 TRP n 
1 238 THR n 
1 239 GLU n 
1 240 ARG n 
1 241 HIS n 
1 242 GLY n 
1 243 TYR n 
1 244 ILE n 
1 245 VAL n 
1 246 ASP n 
1 247 VAL n 
1 248 SER n 
1 249 LYS n 
1 250 ARG n 
1 251 ILE n 
1 252 PRO n 
1 253 PHE n 
# 
_entity_src_gen.entity_id                          1 
_entity_src_gen.pdbx_src_id                        1 
_entity_src_gen.pdbx_alt_source_flag               sample 
_entity_src_gen.pdbx_seq_type                      ? 
_entity_src_gen.pdbx_beg_seq_num                   ? 
_entity_src_gen.pdbx_end_seq_num                   ? 
_entity_src_gen.gene_src_common_name               ? 
_entity_src_gen.gene_src_genus                     Staphylococcus 
_entity_src_gen.pdbx_gene_src_gene                 ? 
_entity_src_gen.gene_src_species                   ? 
_entity_src_gen.gene_src_strain                    ? 
_entity_src_gen.gene_src_tissue                    ? 
_entity_src_gen.gene_src_tissue_fraction           ? 
_entity_src_gen.gene_src_details                   ? 
_entity_src_gen.pdbx_gene_src_fragment             ? 
_entity_src_gen.pdbx_gene_src_scientific_name      'Staphylococcus aureus' 
_entity_src_gen.pdbx_gene_src_ncbi_taxonomy_id     1280 
_entity_src_gen.pdbx_gene_src_variant              ? 
_entity_src_gen.pdbx_gene_src_cell_line            ? 
_entity_src_gen.pdbx_gene_src_atcc                 ? 
_entity_src_gen.pdbx_gene_src_organ                ? 
_entity_src_gen.pdbx_gene_src_organelle            ? 
_entity_src_gen.pdbx_gene_src_cell                 ? 
_entity_src_gen.pdbx_gene_src_cellular_location    ? 
_entity_src_gen.host_org_common_name               ? 
_entity_src_gen.pdbx_host_org_scientific_name      ? 
_entity_src_gen.pdbx_host_org_ncbi_taxonomy_id     ? 
_entity_src_gen.host_org_genus                     ? 
_entity_src_gen.pdbx_host_org_gene                 ? 
_entity_src_gen.pdbx_host_org_organ                ? 
_entity_src_gen.host_org_species                   ? 
_entity_src_gen.pdbx_host_org_tissue               ? 
_entity_src_gen.pdbx_host_org_tissue_fraction      ? 
_entity_src_gen.pdbx_host_org_strain               ? 
_entity_src_gen.pdbx_host_org_variant              ? 
_entity_src_gen.pdbx_host_org_cell_line            ? 
_entity_src_gen.pdbx_host_org_atcc                 ? 
_entity_src_gen.pdbx_host_org_culture_collection   ? 
_entity_src_gen.pdbx_host_org_cell                 ? 
_entity_src_gen.pdbx_host_org_organelle            ? 
_entity_src_gen.pdbx_host_org_cellular_location    ? 
_entity_src_gen.pdbx_host_org_vector_type          ? 
_entity_src_gen.pdbx_host_org_vector               ? 
_entity_src_gen.host_org_details                   ? 
_entity_src_gen.expression_system_id               ? 
_entity_src_gen.plasmid_name                       ? 
_entity_src_gen.plasmid_details                    ? 
_entity_src_gen.pdbx_description                   ? 
# 
loop_
_chem_comp.id 
_chem_comp.type 
_chem_comp.mon_nstd_flag 
_chem_comp.name 
_chem_comp.pdbx_synonyms 
_chem_comp.formula 
_chem_comp.formula_weight 
ALA 'L-peptide linking' y ALANINE         ? 'C3 H7 N O2'     89.093  
ARG 'L-peptide linking' y ARGININE        ? 'C6 H15 N4 O2 1' 175.209 
ASN 'L-peptide linking' y ASPARAGINE      ? 'C4 H8 N2 O3'    132.118 
ASP 'L-peptide linking' y 'ASPARTIC ACID' ? 'C4 H7 N O4'     133.103 
CYS 'L-peptide linking' y CYSTEINE        ? 'C3 H7 N O2 S'   121.158 
GLN 'L-peptide linking' y GLUTAMINE       ? 'C5 H10 N2 O3'   146.144 
GLU 'L-peptide linking' y 'GLUTAMIC ACID' ? 'C5 H9 N O4'     147.129 
GLY 'peptide linking'   y GLYCINE         ? 'C2 H5 N O2'     75.067  
HIS 'L-peptide linking' y HISTIDINE       ? 'C6 H10 N3 O2 1' 156.162 
ILE 'L-peptide linking' y ISOLEUCINE      ? 'C6 H13 N O2'    131.173 
LEU 'L-peptide linking' y LEUCINE         ? 'C6 H13 N O2'    131.173 
LYS 'L-peptide linking' y LYSINE          ? 'C6 H15 N2 O2 1' 147.195 
MET 'L-peptide linking' y METHIONINE      ? 'C5 H11 N O2 S'  149.211 
PHE 'L-peptide linking' y PHENYLALANINE   ? 'C9 H11 N O2'    165.189 
PRO 'L-peptide linking' y PROLINE         ? 'C5 H9 N O2'     115.130 
SER 'L-peptide linking' y SERINE          ? 'C3 H7 N O3'     105.093 
THR 'L-peptide linking' y THREONINE       ? 'C4 H9 N O3'     119.119 
TRP 'L-peptide linking' y TRYPTOPHAN      ? 'C11 H12 N2 O2'  204.225 
TYR 'L-peptide linking' y TYROSINE        ? 'C9 H11 N O3'    181.189 
VAL 'L-peptide linking' y VALINE          ? 'C5 H11 N O2'    117.146 
# 
loop_
_pdbx_poly_seq_scheme.asym_id 
_pdbx_poly_seq_scheme.entity_id 
_pdbx_poly_seq_scheme.seq_id 
_pdbx_poly_seq_scheme.mon_id 
_pdbx_poly_seq_scheme.ndb_seq_num 
_pdbx_poly_seq_scheme.pdb_seq_num 
_pdbx_poly_seq_scheme.auth_seq_num 
_pdbx_poly_seq_scheme.pdb_mon_id 
_pdbx_poly_seq_scheme.auth_mon_id 
_pdbx_poly_seq_scheme.pdb_strand_id 
_pdbx_poly_seq_scheme.pdb_ins_code 
_pdbx_poly_seq_scheme.hetero 
A 1 1   MET 1   1   1   MET MET A . n 
A 1 2   ASN 2   2   2   ASN ASN A . n 
A 1 3   GLY 3   3   3   GLY GLY A . n 
A 1 4   PRO 4   4   4   PRO PRO A . n 
A 1 5   ILE 5   5   5   ILE ILE A . n 
A 1 6   ILE 6   6   6   ILE ILE A . n 
A 1 7   MET 7   7   7   MET MET A . n 
A 1 8   THR 8   8   8   THR THR A . n 
A 1 9   ARG 9   9   9   ARG ARG A . n 
A 1 10  GLU 10  10  10  GLU GLU A . n 
A 1 11  GLU 11  11  11  GLU GLU A . n 
A 1 12  ARG 12  12  12  ARG ARG A . n 
A 1 13  MET 13  13  13  MET MET A . n 
A 1 14  LYS 14  14  14  LYS LYS A . n 
A 1 15  ILE 15  15  15  ILE ILE A . n 
A 1 16  VAL 16  16  16  VAL VAL A . n 
A 1 17  HIS 17  17  17  HIS HIS A . n 
A 1 18  GLU 18  18  18  GLU GLU A . n 
A 1 19  ILE 19  19  19  ILE ILE A . n 
A 1 20  LYS 20  20  20  LYS LYS A . n 
A 1 21  GLU 21  21  21  GLU GLU A . n 
A 1 22  ARG 22  22  22  ARG ARG A . n 
A 1 23  ILE 23  23  23  ILE ILE A . n 
A 1 24  LEU 24  24  24  LEU LEU A . n 
A 1 25  ASP 25  25  25  ASP ASP A . n 
A 1 26  LYS 26  26  26  LYS LYS A . n 
A 1 27  TYR 27  27  27  TYR TYR A . n 
A 1 28  GLY 28  28  28  GLY GLY A . n 
A 1 29  ASP 29  29  29  ASP ASP A . n 
A 1 30  ASP 30  30  30  ASP ASP A . n 
A 1 31  VAL 31  31  31  VAL VAL A . n 
A 1 32  LYS 32  32  32  LYS LYS A . n 
A 1 33  ALA 33  33  33  ALA ALA A . n 
A 1 34  ILE 34  34  34  ILE ILE A . n 
A 1 35  GLY 35  35  35  GLY GLY A . n 
A 1 36  VAL 36  36  36  VAL VAL A . n 
A 1 37  TYR 37  37  37  TYR TYR A . n 
A 1 38  GLY 38  38  38  GLY GLY A . n 
A 1 39  SER 39  39  39  SER SER A . n 
A 1 40  LEU 40  40  40  LEU LEU A . n 
A 1 41  GLY 41  41  41  GLY GLY A . n 
A 1 42  ARG 42  42  42  ARG ARG A . n 
A 1 43  GLN 43  43  43  GLN GLN A . n 
A 1 44  THR 44  44  44  THR THR A . n 
A 1 45  ASP 45  45  45  ASP ASP A . n 
A 1 46  GLY 46  46  46  GLY GLY A . n 
A 1 47  PRO 47  47  47  PRO PRO A . n 
A 1 48  TYR 48  48  48  TYR TYR A . n 
A 1 49  SER 49  49  49  SER SER A . n 
A 1 50  ASP 50  50  50  ASP ASP A . n 
A 1 51  ILE 51  51  51  ILE ILE A . n 
A 1 52  GLU 52  52  52  GLU GLU A . n 
A 1 53  MET 53  53  53  MET MET A . n 
A 1 54  MET 54  54  54  MET MET A . n 
A 1 55  CYS 55  55  55  CYS CYS A . n 
A 1 56  VAL 56  56  56  VAL VAL A . n 
A 1 57  MET 57  57  57  MET MET A . n 
A 1 58  SER 58  58  58  SER SER A . n 
A 1 59  THR 59  59  59  THR THR A . n 
A 1 60  GLU 60  60  60  GLU GLU A . n 
A 1 61  GLU 61  61  61  GLU GLU A . n 
A 1 62  ALA 62  62  62  ALA ALA A . n 
A 1 63  GLU 63  63  63  GLU GLU A . n 
A 1 64  PHE 64  64  64  PHE PHE A . n 
A 1 65  SER 65  65  65  SER SER A . n 
A 1 66  HIS 66  66  66  HIS HIS A . n 
A 1 67  GLU 67  67  67  GLU GLU A . n 
A 1 68  TRP 68  68  68  TRP TRP A . n 
A 1 69  THR 69  69  69  THR THR A . n 
A 1 70  THR 70  70  70  THR THR A . n 
A 1 71  GLY 71  71  71  GLY GLY A . n 
A 1 72  GLU 72  72  72  GLU GLU A . n 
A 1 73  TRP 73  73  73  TRP TRP A . n 
A 1 74  LYS 74  74  74  LYS LYS A . n 
A 1 75  VAL 75  75  75  VAL VAL A . n 
A 1 76  GLU 76  76  76  GLU GLU A . n 
A 1 77  VAL 77  77  77  VAL VAL A . n 
A 1 78  ASN 78  78  78  ASN ASN A . n 
A 1 79  PHE 79  79  79  PHE PHE A . n 
A 1 80  TYR 80  80  80  TYR TYR A . n 
A 1 81  SER 81  81  81  SER SER A . n 
A 1 82  GLU 82  82  82  GLU GLU A . n 
A 1 83  GLU 83  83  83  GLU GLU A . n 
A 1 84  ILE 84  84  84  ILE ILE A . n 
A 1 85  LEU 85  85  85  LEU LEU A . n 
A 1 86  LEU 86  86  86  LEU LEU A . n 
A 1 87  ASP 87  87  87  ASP ASP A . n 
A 1 88  TYR 88  88  88  TYR TYR A . n 
A 1 89  ALA 89  89  89  ALA ALA A . n 
A 1 90  SER 90  90  90  SER SER A . n 
A 1 91  GLN 91  91  91  GLN GLN A . n 
A 1 92  VAL 92  92  92  VAL VAL A . n 
A 1 93  GLU 93  93  93  GLU GLU A . n 
A 1 94  SER 94  94  94  SER SER A . n 
A 1 95  ASP 95  95  95  ASP ASP A . n 
A 1 96  TRP 96  96  96  TRP TRP A . n 
A 1 97  PRO 97  97  97  PRO PRO A . n 
A 1 98  LEU 98  98  98  LEU LEU A . n 
A 1 99  THR 99  99  99  THR THR A . n 
A 1 100 HIS 100 100 100 HIS HIS A . n 
A 1 101 GLY 101 101 101 GLY GLY A . n 
A 1 102 GLN 102 102 102 GLN GLN A . n 
A 1 103 PHE 103 103 103 PHE PHE A . n 
A 1 104 PHE 104 104 104 PHE PHE A . n 
A 1 105 SER 105 105 105 SER SER A . n 
A 1 106 ILE 106 106 106 ILE ILE A . n 
A 1 107 LEU 107 107 107 LEU LEU A . n 
A 1 108 PRO 108 108 108 PRO PRO A . n 
A 1 109 ILE 109 109 109 ILE ILE A . n 
A 1 110 TYR 110 110 110 TYR TYR A . n 
A 1 111 ASP 111 111 111 ASP ASP A . n 
A 1 112 SER 112 112 112 SER SER A . n 
A 1 113 GLY 113 113 113 GLY GLY A . n 
A 1 114 GLY 114 114 114 GLY GLY A . n 
A 1 115 TYR 115 115 115 TYR TYR A . n 
A 1 116 LEU 116 116 116 LEU LEU A . n 
A 1 117 GLU 117 117 117 GLU GLU A . n 
A 1 118 LYS 118 118 118 LYS LYS A . n 
A 1 119 VAL 119 119 119 VAL VAL A . n 
A 1 120 TYR 120 120 120 TYR TYR A . n 
A 1 121 GLN 121 121 121 GLN GLN A . n 
A 1 122 THR 122 122 122 THR THR A . n 
A 1 123 ALA 123 123 123 ALA ALA A . n 
A 1 124 LYS 124 124 124 LYS LYS A . n 
A 1 125 SER 125 125 125 SER SER A . n 
A 1 126 VAL 126 126 126 VAL VAL A . n 
A 1 127 GLU 127 127 127 GLU GLU A . n 
A 1 128 ALA 128 128 128 ALA ALA A . n 
A 1 129 GLN 129 129 129 GLN GLN A . n 
A 1 130 LYS 130 130 130 LYS LYS A . n 
A 1 131 PHE 131 131 131 PHE PHE A . n 
A 1 132 HIS 132 132 132 HIS HIS A . n 
A 1 133 ASP 133 133 133 ASP ASP A . n 
A 1 134 ALA 134 134 134 ALA ALA A . n 
A 1 135 ILE 135 135 135 ILE ILE A . n 
A 1 136 CYS 136 136 136 CYS CYS A . n 
A 1 137 ALA 137 137 137 ALA ALA A . n 
A 1 138 LEU 138 138 138 LEU LEU A . n 
A 1 139 ILE 139 139 139 ILE ILE A . n 
A 1 140 VAL 140 140 140 VAL VAL A . n 
A 1 141 GLU 141 141 141 GLU GLU A . n 
A 1 142 GLU 142 142 142 GLU GLU A . n 
A 1 143 LEU 143 143 143 LEU LEU A . n 
A 1 144 PHE 144 144 144 PHE PHE A . n 
A 1 145 GLU 145 145 145 GLU GLU A . n 
A 1 146 TYR 146 146 146 TYR TYR A . n 
A 1 147 ALA 147 147 147 ALA ALA A . n 
A 1 148 GLY 148 148 148 GLY GLY A . n 
A 1 149 LYS 149 149 149 LYS LYS A . n 
A 1 150 TRP 150 150 150 TRP TRP A . n 
A 1 151 ARG 151 151 151 ARG ARG A . n 
A 1 152 ASN 152 152 152 ASN ASN A . n 
A 1 153 ILE 153 153 153 ILE ILE A . n 
A 1 154 ARG 154 154 154 ARG ARG A . n 
A 1 155 VAL 155 155 155 VAL VAL A . n 
A 1 156 GLN 156 156 156 GLN GLN A . n 
A 1 157 GLY 157 157 157 GLY GLY A . n 
A 1 158 PRO 158 158 158 PRO PRO A . n 
A 1 159 THR 159 159 159 THR THR A . n 
A 1 160 THR 160 160 160 THR THR A . n 
A 1 161 PHE 161 161 161 PHE PHE A . n 
A 1 162 LEU 162 162 162 LEU LEU A . n 
A 1 163 PRO 163 163 163 PRO PRO A . n 
A 1 164 SER 164 164 164 SER SER A . n 
A 1 165 LEU 165 165 165 LEU LEU A . n 
A 1 166 THR 166 166 166 THR THR A . n 
A 1 167 VAL 167 167 167 VAL VAL A . n 
A 1 168 GLN 168 168 168 GLN GLN A . n 
A 1 169 VAL 169 169 169 VAL VAL A . n 
A 1 170 ALA 170 170 170 ALA ALA A . n 
A 1 171 MET 171 171 171 MET MET A . n 
A 1 172 ALA 172 172 172 ALA ALA A . n 
A 1 173 GLY 173 173 173 GLY GLY A . n 
A 1 174 ALA 174 174 174 ALA ALA A . n 
A 1 175 MET 175 175 175 MET MET A . n 
A 1 176 LEU 176 176 176 LEU LEU A . n 
A 1 177 ILE 177 177 177 ILE ILE A . n 
A 1 178 GLY 178 178 178 GLY GLY A . n 
A 1 179 LEU 179 179 179 LEU LEU A . n 
A 1 180 HIS 180 180 180 HIS HIS A . n 
A 1 181 HIS 181 181 181 HIS HIS A . n 
A 1 182 ARG 182 182 182 ARG ARG A . n 
A 1 183 ILE 183 183 183 ILE ILE A . n 
A 1 184 CYS 184 184 184 CYS CYS A . n 
A 1 185 TYR 185 185 185 TYR TYR A . n 
A 1 186 THR 186 186 186 THR THR A . n 
A 1 187 THR 187 187 187 THR THR A . n 
A 1 188 SER 188 188 188 SER SER A . n 
A 1 189 ALA 189 189 189 ALA ALA A . n 
A 1 190 SER 190 190 190 SER SER A . n 
A 1 191 VAL 191 191 191 VAL VAL A . n 
A 1 192 LEU 192 192 192 LEU LEU A . n 
A 1 193 THR 193 193 193 THR THR A . n 
A 1 194 GLU 194 194 194 GLU GLU A . n 
A 1 195 ALA 195 195 195 ALA ALA A . n 
A 1 196 VAL 196 196 196 VAL VAL A . n 
A 1 197 LYS 197 197 197 LYS LYS A . n 
A 1 198 GLN 198 198 198 GLN GLN A . n 
A 1 199 SER 199 199 199 SER SER A . n 
A 1 200 ASP 200 200 200 ASP ASP A . n 
A 1 201 LEU 201 201 201 LEU LEU A . n 
A 1 202 PRO 202 202 202 PRO PRO A . n 
A 1 203 SER 203 203 203 SER SER A . n 
A 1 204 GLY 204 204 204 GLY GLY A . n 
A 1 205 TYR 205 205 205 TYR TYR A . n 
A 1 206 ASP 206 206 206 ASP ASP A . n 
A 1 207 HIS 207 207 207 HIS HIS A . n 
A 1 208 LEU 208 208 208 LEU LEU A . n 
A 1 209 CYS 209 209 209 CYS CYS A . n 
A 1 210 GLN 210 210 210 GLN GLN A . n 
A 1 211 PHE 211 211 211 PHE PHE A . n 
A 1 212 VAL 212 212 212 VAL VAL A . n 
A 1 213 MET 213 213 213 MET MET A . n 
A 1 214 SER 214 214 214 SER SER A . n 
A 1 215 GLY 215 215 215 GLY GLY A . n 
A 1 216 GLN 216 216 216 GLN GLN A . n 
A 1 217 LEU 217 217 217 LEU LEU A . n 
A 1 218 SER 218 218 218 SER SER A . n 
A 1 219 ASP 219 219 219 ASP ASP A . n 
A 1 220 SER 220 220 220 SER SER A . n 
A 1 221 GLU 221 221 221 GLU GLU A . n 
A 1 222 LYS 222 222 222 LYS LYS A . n 
A 1 223 LEU 223 223 223 LEU LEU A . n 
A 1 224 LEU 224 224 224 LEU LEU A . n 
A 1 225 GLU 225 225 225 GLU GLU A . n 
A 1 226 SER 226 226 226 SER SER A . n 
A 1 227 LEU 227 227 227 LEU LEU A . n 
A 1 228 GLU 228 228 228 GLU GLU A . n 
A 1 229 ASN 229 229 229 ASN ASN A . n 
A 1 230 PHE 230 230 230 PHE PHE A . n 
A 1 231 TRP 231 231 231 TRP TRP A . n 
A 1 232 ASN 232 232 232 ASN ASN A . n 
A 1 233 GLY 233 233 233 GLY GLY A . n 
A 1 234 ILE 234 234 234 ILE ILE A . n 
A 1 235 GLN 235 235 235 GLN GLN A . n 
A 1 236 GLU 236 236 236 GLU GLU A . n 
A 1 237 TRP 237 237 237 TRP TRP A . n 
A 1 238 THR 238 238 238 THR THR A . n 
A 1 239 GLU 239 239 239 GLU GLU A . n 
A 1 240 ARG 240 240 240 ARG ARG A . n 
A 1 241 HIS 241 241 241 HIS HIS A . n 
A 1 242 GLY 242 242 242 GLY GLY A . n 
A 1 243 TYR 243 243 243 TYR TYR A . n 
A 1 244 ILE 244 244 244 ILE ILE A . n 
A 1 245 VAL 245 245 245 VAL VAL A . n 
A 1 246 ASP 246 246 246 ASP ASP A . n 
A 1 247 VAL 247 247 247 VAL VAL A . n 
A 1 248 SER 248 248 248 SER SER A . n 
A 1 249 LYS 249 249 249 LYS LYS A . n 
A 1 250 ARG 250 250 250 ARG ARG A . n 
A 1 251 ILE 251 251 251 ILE ILE A . n 
A 1 252 PRO 252 252 252 PRO PRO A . n 
A 1 253 PHE 253 253 253 PHE PHE A . n 
B 1 1   MET 1   1   1   MET MET B . n 
B 1 2   ASN 2   2   2   ASN ASN B . n 
B 1 3   GLY 3   3   3   GLY GLY B . n 
B 1 4   PRO 4   4   4   PRO PRO B . n 
B 1 5   ILE 5   5   5   ILE ILE B . n 
B 1 6   ILE 6   6   6   ILE ILE B . n 
B 1 7   MET 7   7   7   MET MET B . n 
B 1 8   THR 8   8   8   THR THR B . n 
B 1 9   ARG 9   9   9   ARG ARG B . n 
B 1 10  GLU 10  10  10  GLU GLU B . n 
B 1 11  GLU 11  11  11  GLU GLU B . n 
B 1 12  ARG 12  12  12  ARG ARG B . n 
B 1 13  MET 13  13  13  MET MET B . n 
B 1 14  LYS 14  14  14  LYS LYS B . n 
B 1 15  ILE 15  15  15  ILE ILE B . n 
B 1 16  VAL 16  16  16  VAL VAL B . n 
B 1 17  HIS 17  17  17  HIS HIS B . n 
B 1 18  GLU 18  18  18  GLU GLU B . n 
B 1 19  ILE 19  19  19  ILE ILE B . n 
B 1 20  LYS 20  20  20  LYS LYS B . n 
B 1 21  GLU 21  21  21  GLU GLU B . n 
B 1 22  ARG 22  22  22  ARG ARG B . n 
B 1 23  ILE 23  23  23  ILE ILE B . n 
B 1 24  LEU 24  24  24  LEU LEU B . n 
B 1 25  ASP 25  25  25  ASP ASP B . n 
B 1 26  LYS 26  26  26  LYS LYS B . n 
B 1 27  TYR 27  27  27  TYR TYR B . n 
B 1 28  GLY 28  28  28  GLY GLY B . n 
B 1 29  ASP 29  29  29  ASP ASP B . n 
B 1 30  ASP 30  30  30  ASP ASP B . n 
B 1 31  VAL 31  31  31  VAL VAL B . n 
B 1 32  LYS 32  32  32  LYS LYS B . n 
B 1 33  ALA 33  33  33  ALA ALA B . n 
B 1 34  ILE 34  34  34  ILE ILE B . n 
B 1 35  GLY 35  35  35  GLY GLY B . n 
B 1 36  VAL 36  36  36  VAL VAL B . n 
B 1 37  TYR 37  37  37  TYR TYR B . n 
B 1 38  GLY 38  38  38  GLY GLY B . n 
B 1 39  SER 39  39  39  SER SER B . n 
B 1 40  LEU 40  40  40  LEU LEU B . n 
B 1 41  GLY 41  41  41  GLY GLY B . n 
B 1 42  ARG 42  42  42  ARG ARG B . n 
B 1 43  GLN 43  43  43  GLN GLN B . n 
B 1 44  THR 44  44  44  THR THR B . n 
B 1 45  ASP 45  45  45  ASP ASP B . n 
B 1 46  GLY 46  46  46  GLY GLY B . n 
B 1 47  PRO 47  47  47  PRO PRO B . n 
B 1 48  TYR 48  48  48  TYR TYR B . n 
B 1 49  SER 49  49  49  SER SER B . n 
B 1 50  ASP 50  50  50  ASP ASP B . n 
B 1 51  ILE 51  51  51  ILE ILE B . n 
B 1 52  GLU 52  52  52  GLU GLU B . n 
B 1 53  MET 53  53  53  MET MET B . n 
B 1 54  MET 54  54  54  MET MET B . n 
B 1 55  CYS 55  55  55  CYS CYS B . n 
B 1 56  VAL 56  56  56  VAL VAL B . n 
B 1 57  MET 57  57  57  MET MET B . n 
B 1 58  SER 58  58  58  SER SER B . n 
B 1 59  THR 59  59  59  THR THR B . n 
B 1 60  GLU 60  60  60  GLU GLU B . n 
B 1 61  GLU 61  61  61  GLU GLU B . n 
B 1 62  ALA 62  62  62  ALA ALA B . n 
B 1 63  GLU 63  63  63  GLU GLU B . n 
B 1 64  PHE 64  64  64  PHE PHE B . n 
B 1 65  SER 65  65  65  SER SER B . n 
B 1 66  HIS 66  66  66  HIS HIS B . n 
B 1 67  GLU 67  67  67  GLU GLU B . n 
B 1 68  TRP 68  68  68  TRP TRP B . n 
B 1 69  THR 69  69  69  THR THR B . n 
B 1 70  THR 70  70  70  THR THR B . n 
B 1 71  GLY 71  71  71  GLY GLY B . n 
B 1 72  GLU 72  72  72  GLU GLU B . n 
B 1 73  TRP 73  73  73  TRP TRP B . n 
B 1 74  LYS 74  74  74  LYS LYS B . n 
B 1 75  VAL 75  75  75  VAL VAL B . n 
B 1 76  GLU 76  76  76  GLU GLU B . n 
B 1 77  VAL 77  77  77  VAL VAL B . n 
B 1 78  ASN 78  78  78  ASN ASN B . n 
B 1 79  PHE 79  79  79  PHE PHE B . n 
B 1 80  TYR 80  80  80  TYR TYR B . n 
B 1 81  SER 81  81  81  SER SER B . n 
B 1 82  GLU 82  82  82  GLU GLU B . n 
B 1 83  GLU 83  83  83  GLU GLU B . n 
B 1 84  ILE 84  84  84  ILE ILE B . n 
B 1 85  LEU 85  85  85  LEU LEU B . n 
B 1 86  LEU 86  86  86  LEU LEU B . n 
B 1 87  ASP 87  87  87  ASP ASP B . n 
B 1 88  TYR 88  88  88  TYR TYR B . n 
B 1 89  ALA 89  89  89  ALA ALA B . n 
B 1 90  SER 90  90  90  SER SER B . n 
B 1 91  GLN 91  91  91  GLN GLN B . n 
B 1 92  VAL 92  92  92  VAL VAL B . n 
B 1 93  GLU 93  93  93  GLU GLU B . n 
B 1 94  SER 94  94  94  SER SER B . n 
B 1 95  ASP 95  95  95  ASP ASP B . n 
B 1 96  TRP 96  96  96  TRP TRP B . n 
B 1 97  PRO 97  97  97  PRO PRO B . n 
B 1 98  LEU 98  98  98  LEU LEU B . n 
B 1 99  THR 99  99  99  THR THR B . n 
B 1 100 HIS 100 100 100 HIS HIS B . n 
B 1 101 GLY 101 101 101 GLY GLY B . n 
B 1 102 GLN 102 102 102 GLN GLN B . n 
B 1 103 PHE 103 103 103 PHE PHE B . n 
B 1 104 PHE 104 104 104 PHE PHE B . n 
B 1 105 SER 105 105 105 SER SER B . n 
B 1 106 ILE 106 106 106 ILE ILE B . n 
B 1 107 LEU 107 107 107 LEU LEU B . n 
B 1 108 PRO 108 108 108 PRO PRO B . n 
B 1 109 ILE 109 109 109 ILE ILE B . n 
B 1 110 TYR 110 110 110 TYR TYR B . n 
B 1 111 ASP 111 111 111 ASP ASP B . n 
B 1 112 SER 112 112 112 SER SER B . n 
B 1 113 GLY 113 113 113 GLY GLY B . n 
B 1 114 GLY 114 114 114 GLY GLY B . n 
B 1 115 TYR 115 115 115 TYR TYR B . n 
B 1 116 LEU 116 116 116 LEU LEU B . n 
B 1 117 GLU 117 117 117 GLU GLU B . n 
B 1 118 LYS 118 118 118 LYS LYS B . n 
B 1 119 VAL 119 119 119 VAL VAL B . n 
B 1 120 TYR 120 120 120 TYR TYR B . n 
B 1 121 GLN 121 121 121 GLN GLN B . n 
B 1 122 THR 122 122 122 THR THR B . n 
B 1 123 ALA 123 123 123 ALA ALA B . n 
B 1 124 LYS 124 124 124 LYS LYS B . n 
B 1 125 SER 125 125 125 SER SER B . n 
B 1 126 VAL 126 126 126 VAL VAL B . n 
B 1 127 GLU 127 127 127 GLU GLU B . n 
B 1 128 ALA 128 128 128 ALA ALA B . n 
B 1 129 GLN 129 129 129 GLN GLN B . n 
B 1 130 LYS 130 130 130 LYS LYS B . n 
B 1 131 PHE 131 131 131 PHE PHE B . n 
B 1 132 HIS 132 132 132 HIS HIS B . n 
B 1 133 ASP 133 133 133 ASP ASP B . n 
B 1 134 ALA 134 134 134 ALA ALA B . n 
B 1 135 ILE 135 135 135 ILE ILE B . n 
B 1 136 CYS 136 136 136 CYS CYS B . n 
B 1 137 ALA 137 137 137 ALA ALA B . n 
B 1 138 LEU 138 138 138 LEU LEU B . n 
B 1 139 ILE 139 139 139 ILE ILE B . n 
B 1 140 VAL 140 140 140 VAL VAL B . n 
B 1 141 GLU 141 141 141 GLU GLU B . n 
B 1 142 GLU 142 142 142 GLU GLU B . n 
B 1 143 LEU 143 143 143 LEU LEU B . n 
B 1 144 PHE 144 144 144 PHE PHE B . n 
B 1 145 GLU 145 145 145 GLU GLU B . n 
B 1 146 TYR 146 146 146 TYR TYR B . n 
B 1 147 ALA 147 147 147 ALA ALA B . n 
B 1 148 GLY 148 148 148 GLY GLY B . n 
B 1 149 LYS 149 149 149 LYS LYS B . n 
B 1 150 TRP 150 150 150 TRP TRP B . n 
B 1 151 ARG 151 151 151 ARG ARG B . n 
B 1 152 ASN 152 152 152 ASN ASN B . n 
B 1 153 ILE 153 153 153 ILE ILE B . n 
B 1 154 ARG 154 154 154 ARG ARG B . n 
B 1 155 VAL 155 155 155 VAL VAL B . n 
B 1 156 GLN 156 156 156 GLN GLN B . n 
B 1 157 GLY 157 157 157 GLY GLY B . n 
B 1 158 PRO 158 158 158 PRO PRO B . n 
B 1 159 THR 159 159 159 THR THR B . n 
B 1 160 THR 160 160 160 THR THR B . n 
B 1 161 PHE 161 161 161 PHE PHE B . n 
B 1 162 LEU 162 162 162 LEU LEU B . n 
B 1 163 PRO 163 163 163 PRO PRO B . n 
B 1 164 SER 164 164 164 SER SER B . n 
B 1 165 LEU 165 165 165 LEU LEU B . n 
B 1 166 THR 166 166 166 THR THR B . n 
B 1 167 VAL 167 167 167 VAL VAL B . n 
B 1 168 GLN 168 168 168 GLN GLN B . n 
B 1 169 VAL 169 169 169 VAL VAL B . n 
B 1 170 ALA 170 170 170 ALA ALA B . n 
B 1 171 MET 171 171 171 MET MET B . n 
B 1 172 ALA 172 172 172 ALA ALA B . n 
B 1 173 GLY 173 173 173 GLY GLY B . n 
B 1 174 ALA 174 174 174 ALA ALA B . n 
B 1 175 MET 175 175 175 MET MET B . n 
B 1 176 LEU 176 176 176 LEU LEU B . n 
B 1 177 ILE 177 177 177 ILE ILE B . n 
B 1 178 GLY 178 178 178 GLY GLY B . n 
B 1 179 LEU 179 179 179 LEU LEU B . n 
B 1 180 HIS 180 180 180 HIS HIS B . n 
B 1 181 HIS 181 181 181 HIS HIS B . n 
B 1 182 ARG 182 182 182 ARG ARG B . n 
B 1 183 ILE 183 183 183 ILE ILE B . n 
B 1 184 CYS 184 184 184 CYS CYS B . n 
B 1 185 TYR 185 185 185 TYR TYR B . n 
B 1 186 THR 186 186 186 THR THR B . n 
B 1 187 THR 187 187 187 THR THR B . n 
B 1 188 SER 188 188 188 SER SER B . n 
B 1 189 ALA 189 189 189 ALA ALA B . n 
B 1 190 SER 190 190 190 SER SER B . n 
B 1 191 VAL 191 191 191 VAL VAL B . n 
B 1 192 LEU 192 192 192 LEU LEU B . n 
B 1 193 THR 193 193 193 THR THR B . n 
B 1 194 GLU 194 194 194 GLU GLU B . n 
B 1 195 ALA 195 195 195 ALA ALA B . n 
B 1 196 VAL 196 196 196 VAL VAL B . n 
B 1 197 LYS 197 197 197 LYS LYS B . n 
B 1 198 GLN 198 198 198 GLN GLN B . n 
B 1 199 SER 199 199 199 SER SER B . n 
B 1 200 ASP 200 200 200 ASP ASP B . n 
B 1 201 LEU 201 201 201 LEU LEU B . n 
B 1 202 PRO 202 202 202 PRO PRO B . n 
B 1 203 SER 203 203 203 SER SER B . n 
B 1 204 GLY 204 204 204 GLY GLY B . n 
B 1 205 TYR 205 205 205 TYR TYR B . n 
B 1 206 ASP 206 206 206 ASP ASP B . n 
B 1 207 HIS 207 207 207 HIS HIS B . n 
B 1 208 LEU 208 208 208 LEU LEU B . n 
B 1 209 CYS 209 209 209 CYS CYS B . n 
B 1 210 GLN 210 210 210 GLN GLN B . n 
B 1 211 PHE 211 211 211 PHE PHE B . n 
B 1 212 VAL 212 212 212 VAL VAL B . n 
B 1 213 MET 213 213 213 MET MET B . n 
B 1 214 SER 214 214 214 SER SER B . n 
B 1 215 GLY 215 215 215 GLY GLY B . n 
B 1 216 GLN 216 216 216 GLN GLN B . n 
B 1 217 LEU 217 217 217 LEU LEU B . n 
B 1 218 SER 218 218 218 SER SER B . n 
B 1 219 ASP 219 219 219 ASP ASP B . n 
B 1 220 SER 220 220 220 SER SER B . n 
B 1 221 GLU 221 221 221 GLU GLU B . n 
B 1 222 LYS 222 222 222 LYS LYS B . n 
B 1 223 LEU 223 223 223 LEU LEU B . n 
B 1 224 LEU 224 224 224 LEU LEU B . n 
B 1 225 GLU 225 225 225 GLU GLU B . n 
B 1 226 SER 226 226 226 SER SER B . n 
B 1 227 LEU 227 227 227 LEU LEU B . n 
B 1 228 GLU 228 228 228 GLU GLU B . n 
B 1 229 ASN 229 229 229 ASN ASN B . n 
B 1 230 PHE 230 230 230 PHE PHE B . n 
B 1 231 TRP 231 231 231 TRP TRP B . n 
B 1 232 ASN 232 232 232 ASN ASN B . n 
B 1 233 GLY 233 233 233 GLY GLY B . n 
B 1 234 ILE 234 234 234 ILE ILE B . n 
B 1 235 GLN 235 235 235 GLN GLN B . n 
B 1 236 GLU 236 236 236 GLU GLU B . n 
B 1 237 TRP 237 237 237 TRP TRP B . n 
B 1 238 THR 238 238 238 THR THR B . n 
B 1 239 GLU 239 239 239 GLU GLU B . n 
B 1 240 ARG 240 240 240 ARG ARG B . n 
B 1 241 HIS 241 241 241 HIS HIS B . n 
B 1 242 GLY 242 242 242 GLY GLY B . n 
B 1 243 TYR 243 243 243 TYR TYR B . n 
B 1 244 ILE 244 244 244 ILE ILE B . n 
B 1 245 VAL 245 245 245 VAL VAL B . n 
B 1 246 ASP 246 246 246 ASP ASP B . n 
B 1 247 VAL 247 247 247 VAL VAL B . n 
B 1 248 SER 248 248 248 SER SER B . n 
B 1 249 LYS 249 249 249 LYS LYS B . n 
B 1 250 ARG 250 250 250 ARG ARG B . n 
B 1 251 ILE 251 251 251 ILE ILE B . n 
B 1 252 PRO 252 252 252 PRO PRO B . n 
B 1 253 PHE 253 253 253 PHE PHE B . n 
# 
_software.name             TNT 
_software.classification   refinement 
_software.version          . 
_software.citation_id      ? 
_software.pdbx_ordinal     1 
# 
_cell.entry_id           1KAN 
_cell.length_a           78.900 
_cell.length_b           78.900 
_cell.length_c           219.200 
_cell.angle_alpha        90.00 
_cell.angle_beta         90.00 
_cell.angle_gamma        90.00 
_cell.Z_PDB              16 
_cell.pdbx_unique_axis   ? 
# 
_symmetry.entry_id                         1KAN 
_symmetry.space_group_name_H-M             'P 43 21 2' 
_symmetry.pdbx_full_space_group_name_H-M   ? 
_symmetry.cell_setting                     ? 
_symmetry.Int_Tables_number                96 
# 
_exptl.entry_id          1KAN 
_exptl.method            'X-RAY DIFFRACTION' 
_exptl.crystals_number   ? 
# 
_exptl_crystal.id                    1 
_exptl_crystal.density_meas          ? 
_exptl_crystal.density_Matthews      2.95 
_exptl_crystal.density_percent_sol   58.31 
_exptl_crystal.description           ? 
# 
_diffrn.id                     1 
_diffrn.ambient_temp           ? 
_diffrn.ambient_temp_details   ? 
_diffrn.crystal_id             1 
# 
_diffrn_radiation.diffrn_id                        1 
_diffrn_radiation.wavelength_id                    1 
_diffrn_radiation.pdbx_monochromatic_or_laue_m_l   ? 
_diffrn_radiation.monochromator                    ? 
_diffrn_radiation.pdbx_diffrn_protocol             ? 
_diffrn_radiation.pdbx_scattering_type             x-ray 
# 
_diffrn_radiation_wavelength.id           1 
_diffrn_radiation_wavelength.wavelength   . 
_diffrn_radiation_wavelength.wt           1.0 
# 
_refine.entry_id                                 1KAN 
_refine.ls_number_reflns_obs                     ? 
_refine.ls_number_reflns_all                     ? 
_refine.pdbx_ls_sigma_I                          ? 
_refine.pdbx_ls_sigma_F                          ? 
_refine.pdbx_data_cutoff_high_absF               ? 
_refine.pdbx_data_cutoff_low_absF                ? 
_refine.pdbx_data_cutoff_high_rms_absF           ? 
_refine.ls_d_res_low                             ? 
_refine.ls_d_res_high                            3.0 
_refine.ls_percent_reflns_obs                    ? 
_refine.ls_R_factor_obs                          0.1890000 
_refine.ls_R_factor_all                          ? 
_refine.ls_R_factor_R_work                       ? 
_refine.ls_R_factor_R_free                       ? 
_refine.ls_R_factor_R_free_error                 ? 
_refine.ls_R_factor_R_free_error_details         ? 
_refine.ls_percent_reflns_R_free                 ? 
_refine.ls_number_reflns_R_free                  ? 
_refine.ls_number_parameters                     ? 
_refine.ls_number_restraints                     ? 
_refine.occupancy_min                            ? 
_refine.occupancy_max                            ? 
_refine.B_iso_mean                               ? 
_refine.aniso_B[1][1]                            ? 
_refine.aniso_B[2][2]                            ? 
_refine.aniso_B[3][3]                            ? 
_refine.aniso_B[1][2]                            ? 
_refine.aniso_B[1][3]                            ? 
_refine.aniso_B[2][3]                            ? 
_refine.solvent_model_details                    ? 
_refine.solvent_model_param_ksol                 ? 
_refine.solvent_model_param_bsol                 ? 
_refine.pdbx_ls_cross_valid_method               ? 
_refine.details                                  ? 
_refine.pdbx_starting_model                      ? 
_refine.pdbx_method_to_determine_struct          ? 
_refine.pdbx_isotropic_thermal_model             ? 
_refine.pdbx_stereochemistry_target_values       ? 
_refine.pdbx_stereochem_target_val_spec_case     ? 
_refine.pdbx_R_Free_selection_details            ? 
_refine.pdbx_overall_ESU_R                       ? 
_refine.pdbx_overall_ESU_R_Free                  ? 
_refine.overall_SU_ML                            ? 
_refine.overall_SU_B                             ? 
_refine.pdbx_refine_id                           'X-RAY DIFFRACTION' 
_refine.pdbx_diffrn_id                           1 
_refine.pdbx_TLS_residual_ADP_flag               ? 
_refine.correlation_coeff_Fo_to_Fc               ? 
_refine.correlation_coeff_Fo_to_Fc_free          ? 
_refine.pdbx_solvent_vdw_probe_radii             ? 
_refine.pdbx_solvent_ion_probe_radii             ? 
_refine.pdbx_solvent_shrinkage_radii             ? 
_refine.pdbx_overall_phase_error                 ? 
_refine.overall_SU_R_Cruickshank_DPI             ? 
_refine.pdbx_overall_SU_R_free_Cruickshank_DPI   ? 
_refine.pdbx_overall_SU_R_Blow_DPI               ? 
_refine.pdbx_overall_SU_R_free_Blow_DPI          ? 
# 
_refine_hist.pdbx_refine_id                   'X-RAY DIFFRACTION' 
_refine_hist.cycle_id                         LAST 
_refine_hist.pdbx_number_atoms_protein        506 
_refine_hist.pdbx_number_atoms_nucleic_acid   0 
_refine_hist.pdbx_number_atoms_ligand         0 
_refine_hist.number_atoms_solvent             0 
_refine_hist.number_atoms_total               506 
_refine_hist.d_res_high                       3.0 
_refine_hist.d_res_low                        . 
# 
loop_
_refine_ls_restr.type 
_refine_ls_restr.dev_ideal 
_refine_ls_restr.dev_ideal_target 
_refine_ls_restr.weight 
_refine_ls_restr.number 
_refine_ls_restr.pdbx_refine_id 
_refine_ls_restr.pdbx_restraint_function 
t_bond_d           0.012 ? ? ? 'X-RAY DIFFRACTION' ? 
t_angle_deg        3.0   ? ? ? 'X-RAY DIFFRACTION' ? 
t_dihedral_angle_d ?     ? ? ? 'X-RAY DIFFRACTION' ? 
t_incorr_chiral_ct ?     ? ? ? 'X-RAY DIFFRACTION' ? 
t_pseud_angle      ?     ? ? ? 'X-RAY DIFFRACTION' ? 
t_trig_c_planes    ?     ? ? ? 'X-RAY DIFFRACTION' ? 
t_gen_planes       ?     ? ? ? 'X-RAY DIFFRACTION' ? 
t_it               ?     ? ? ? 'X-RAY DIFFRACTION' ? 
t_nbd              ?     ? ? ? 'X-RAY DIFFRACTION' ? 
# 
_struct.entry_id                  1KAN 
_struct.title                     'MOLECULAR STRUCTURE OF KANAMYCIN NUCLEOTIDYLTRANSFERASE DETERMINED TO 3.0-ANGSTROMS RESOLUTION' 
_struct.pdbx_model_details        ? 
_struct.pdbx_CASP_flag            ? 
_struct.pdbx_model_type_details   ? 
# 
_struct_keywords.entry_id        1KAN 
_struct_keywords.pdbx_keywords   NUCLEOTIDYLTRANSFERASE 
_struct_keywords.text            NUCLEOTIDYLTRANSFERASE 
# 
loop_
_struct_asym.id 
_struct_asym.pdbx_blank_PDB_chainid_flag 
_struct_asym.pdbx_modified 
_struct_asym.entity_id 
_struct_asym.details 
A N N 1 ? 
B N N 1 ? 
# 
_struct_ref.id                         1 
_struct_ref.db_name                    UNP 
_struct_ref.db_code                    KANU_STAAU 
_struct_ref.entity_id                  1 
_struct_ref.pdbx_db_accession          P05057 
_struct_ref.pdbx_align_begin           1 
_struct_ref.pdbx_seq_one_letter_code   
;MNGPIIMTREERMKIVHEIKERILDKYGDDVKAIGVYGSLGRQTDGPYSDIEMMCVMSTEEAEFSHEWTTGEWKVEVNFD
SEEILLDYASQVESDWPLTHGQFFSILPIYDSGGYLEKVYQTAKSVEAQTFHDAICALIVEELFEYAGKWRNIRVQGPTT
FLPSLTVQVAMAGAMLIGLHHRICYTTSASVLTEAVKQSDLPSGYDHLCQFVMSGQLSDSEKLLESLENFWNGIQEWTER
HGYIVDVSKRIPF
;
_struct_ref.pdbx_db_isoform            ? 
# 
loop_
_struct_ref_seq.align_id 
_struct_ref_seq.ref_id 
_struct_ref_seq.pdbx_PDB_id_code 
_struct_ref_seq.pdbx_strand_id 
_struct_ref_seq.seq_align_beg 
_struct_ref_seq.pdbx_seq_align_beg_ins_code 
_struct_ref_seq.seq_align_end 
_struct_ref_seq.pdbx_seq_align_end_ins_code 
_struct_ref_seq.pdbx_db_accession 
_struct_ref_seq.db_align_beg 
_struct_ref_seq.pdbx_db_align_beg_ins_code 
_struct_ref_seq.db_align_end 
_struct_ref_seq.pdbx_db_align_end_ins_code 
_struct_ref_seq.pdbx_auth_seq_align_beg 
_struct_ref_seq.pdbx_auth_seq_align_end 
1 1 1KAN A 1 ? 253 ? P05057 1 ? 253 ? 1 253 
2 1 1KAN B 1 ? 253 ? P05057 1 ? 253 ? 1 253 
# 
loop_
_struct_ref_seq_dif.align_id 
_struct_ref_seq_dif.pdbx_pdb_id_code 
_struct_ref_seq_dif.mon_id 
_struct_ref_seq_dif.pdbx_pdb_strand_id 
_struct_ref_seq_dif.seq_num 
_struct_ref_seq_dif.pdbx_pdb_ins_code 
_struct_ref_seq_dif.pdbx_seq_db_name 
_struct_ref_seq_dif.pdbx_seq_db_accession_code 
_struct_ref_seq_dif.db_mon_id 
_struct_ref_seq_dif.pdbx_seq_db_seq_num 
_struct_ref_seq_dif.details 
_struct_ref_seq_dif.pdbx_auth_seq_num 
_struct_ref_seq_dif.pdbx_ordinal 
1 1KAN TYR A 80  ? UNP P05057 ASP 80  conflict 80  1 
1 1KAN LYS A 130 ? UNP P05057 THR 130 conflict 130 2 
2 1KAN TYR B 80  ? UNP P05057 ASP 80  conflict 80  3 
2 1KAN LYS B 130 ? UNP P05057 THR 130 conflict 130 4 
# 
_pdbx_struct_assembly.id                   1 
_pdbx_struct_assembly.details              author_defined_assembly 
_pdbx_struct_assembly.method_details       ? 
_pdbx_struct_assembly.oligomeric_details   dimeric 
_pdbx_struct_assembly.oligomeric_count     2 
# 
_pdbx_struct_assembly_gen.assembly_id       1 
_pdbx_struct_assembly_gen.oper_expression   1 
_pdbx_struct_assembly_gen.asym_id_list      A,B 
# 
_pdbx_struct_oper_list.id                   1 
_pdbx_struct_oper_list.type                 'identity operation' 
_pdbx_struct_oper_list.name                 1_555 
_pdbx_struct_oper_list.symmetry_operation   x,y,z 
_pdbx_struct_oper_list.matrix[1][1]         1.0000000000 
_pdbx_struct_oper_list.matrix[1][2]         0.0000000000 
_pdbx_struct_oper_list.matrix[1][3]         0.0000000000 
_pdbx_struct_oper_list.vector[1]            0.0000000000 
_pdbx_struct_oper_list.matrix[2][1]         0.0000000000 
_pdbx_struct_oper_list.matrix[2][2]         1.0000000000 
_pdbx_struct_oper_list.matrix[2][3]         0.0000000000 
_pdbx_struct_oper_list.vector[2]            0.0000000000 
_pdbx_struct_oper_list.matrix[3][1]         0.0000000000 
_pdbx_struct_oper_list.matrix[3][2]         0.0000000000 
_pdbx_struct_oper_list.matrix[3][3]         1.0000000000 
_pdbx_struct_oper_list.vector[3]            0.0000000000 
# 
_struct_biol.id   1 
# 
loop_
_struct_conf.conf_type_id 
_struct_conf.id 
_struct_conf.pdbx_PDB_helix_id 
_struct_conf.beg_label_comp_id 
_struct_conf.beg_label_asym_id 
_struct_conf.beg_label_seq_id 
_struct_conf.pdbx_beg_PDB_ins_code 
_struct_conf.end_label_comp_id 
_struct_conf.end_label_asym_id 
_struct_conf.end_label_seq_id 
_struct_conf.pdbx_end_PDB_ins_code 
_struct_conf.beg_auth_comp_id 
_struct_conf.beg_auth_asym_id 
_struct_conf.beg_auth_seq_id 
_struct_conf.end_auth_comp_id 
_struct_conf.end_auth_asym_id 
_struct_conf.end_auth_seq_id 
_struct_conf.pdbx_PDB_helix_class 
_struct_conf.details 
_struct_conf.pdbx_PDB_helix_length 
HELX_P HELX_P1  A1  ARG A 9   ? ASP A 25  ? ARG A 9   ASP A 25  1 ?                    17 
HELX_P HELX_P2  A3  SER A 39  ? ARG A 42  ? SER A 39  ARG A 42  1 'ALPHA-HELICAL TURN' 4  
HELX_P HELX_P3  A7  GLU A 82  ? SER A 90  ? GLU A 82  SER A 90  1 ?                    9  
HELX_P HELX_P4  A8  TRP A 96  ? PHE A 104 ? TRP A 96  PHE A 104 1 ?                    9  
HELX_P HELX_P5  A10 TYR A 115 ? LYS A 124 ? TYR A 115 LYS A 124 1 ?                    10 
HELX_P HELX_P6  A11 ALA A 128 ? ILE A 153 ? ALA A 128 ILE A 153 1 ?                    26 
HELX_P HELX_P7  A12 LEU A 162 ? HIS A 180 ? LEU A 162 HIS A 180 1 ?                    19 
HELX_P HELX_P8  A13 ALA A 189 ? ALA A 195 ? ALA A 189 ALA A 195 1 ?                    7  
HELX_P HELX_P9  A14 TYR A 205 ? SER A 214 ? TYR A 205 SER A 214 1 ?                    10 
HELX_P HELX_P10 A15 SER A 220 ? HIS A 241 ? SER A 220 HIS A 241 1 ?                    22 
HELX_P HELX_P11 B1  ARG B 9   ? ASP B 25  ? ARG B 9   ASP B 25  1 ?                    17 
HELX_P HELX_P12 B3  SER B 39  ? ARG B 42  ? SER B 39  ARG B 42  1 'ALPHA-HELICAL TURN' 4  
HELX_P HELX_P13 B7  GLU B 82  ? SER B 90  ? GLU B 82  SER B 90  1 ?                    9  
HELX_P HELX_P14 B8  TRP B 96  ? PHE B 104 ? TRP B 96  PHE B 104 1 ?                    9  
HELX_P HELX_P15 B10 TYR B 115 ? LYS B 124 ? TYR B 115 LYS B 124 1 ?                    10 
HELX_P HELX_P16 B11 ALA B 128 ? ILE B 153 ? ALA B 128 ILE B 153 1 ?                    26 
HELX_P HELX_P17 B12 LEU B 162 ? HIS B 180 ? LEU B 162 HIS B 180 1 ?                    19 
HELX_P HELX_P18 B13 ALA B 189 ? ALA B 195 ? ALA B 189 ALA B 195 1 ?                    7  
HELX_P HELX_P19 B14 TYR B 205 ? SER B 214 ? TYR B 205 SER B 214 1 ?                    10 
HELX_P HELX_P20 B15 SER B 220 ? HIS B 241 ? SER B 220 HIS B 241 1 ?                    22 
# 
_struct_conf_type.id          HELX_P 
_struct_conf_type.criteria    ? 
_struct_conf_type.reference   ? 
# 
loop_
_struct_sheet.id 
_struct_sheet.type 
_struct_sheet.number_strands 
_struct_sheet.details 
SHA ? 5 ? 
SHB ? 5 ? 
# 
loop_
_struct_sheet_order.sheet_id 
_struct_sheet_order.range_id_1 
_struct_sheet_order.range_id_2 
_struct_sheet_order.offset 
_struct_sheet_order.sense 
SHA 1 2 ? anti-parallel 
SHA 2 3 ? anti-parallel 
SHA 3 4 ? anti-parallel 
SHA 4 5 ? anti-parallel 
SHB 1 2 ? anti-parallel 
SHB 2 3 ? anti-parallel 
SHB 3 4 ? anti-parallel 
SHB 4 5 ? anti-parallel 
# 
loop_
_struct_sheet_range.sheet_id 
_struct_sheet_range.id 
_struct_sheet_range.beg_label_comp_id 
_struct_sheet_range.beg_label_asym_id 
_struct_sheet_range.beg_label_seq_id 
_struct_sheet_range.pdbx_beg_PDB_ins_code 
_struct_sheet_range.end_label_comp_id 
_struct_sheet_range.end_label_asym_id 
_struct_sheet_range.end_label_seq_id 
_struct_sheet_range.pdbx_end_PDB_ins_code 
_struct_sheet_range.beg_auth_comp_id 
_struct_sheet_range.beg_auth_asym_id 
_struct_sheet_range.beg_auth_seq_id 
_struct_sheet_range.end_auth_comp_id 
_struct_sheet_range.end_auth_asym_id 
_struct_sheet_range.end_auth_seq_id 
SHA 1 ALA A 62  ? THR A 69  ? ALA A 62  THR A 69  
SHA 2 LYS A 74  ? SER A 81  ? LYS A 74  SER A 81  
SHA 3 ILE A 51  ? MET A 57  ? ILE A 51  MET A 57  
SHA 4 VAL A 31  ? VAL A 36  ? VAL A 31  VAL A 36  
SHA 5 LEU A 107 ? ASP A 111 ? LEU A 107 ASP A 111 
SHB 1 ALA B 62  ? THR B 69  ? ALA B 62  THR B 69  
SHB 2 LYS B 74  ? SER B 81  ? LYS B 74  SER B 81  
SHB 3 ILE B 51  ? MET B 57  ? ILE B 51  MET B 57  
SHB 4 VAL B 31  ? VAL B 36  ? VAL B 31  VAL B 36  
SHB 5 LEU B 107 ? ASP B 111 ? LEU B 107 ASP B 111 
# 
loop_
_chem_comp_atom.comp_id 
_chem_comp_atom.atom_id 
_chem_comp_atom.type_symbol 
_chem_comp_atom.pdbx_aromatic_flag 
_chem_comp_atom.pdbx_stereo_config 
_chem_comp_atom.pdbx_ordinal 
ALA N    N N N 1   
ALA CA   C N S 2   
ALA C    C N N 3   
ALA O    O N N 4   
ALA CB   C N N 5   
ALA OXT  O N N 6   
ALA H    H N N 7   
ALA H2   H N N 8   
ALA HA   H N N 9   
ALA HB1  H N N 10  
ALA HB2  H N N 11  
ALA HB3  H N N 12  
ALA HXT  H N N 13  
ARG N    N N N 14  
ARG CA   C N S 15  
ARG C    C N N 16  
ARG O    O N N 17  
ARG CB   C N N 18  
ARG CG   C N N 19  
ARG CD   C N N 20  
ARG NE   N N N 21  
ARG CZ   C N N 22  
ARG NH1  N N N 23  
ARG NH2  N N N 24  
ARG OXT  O N N 25  
ARG H    H N N 26  
ARG H2   H N N 27  
ARG HA   H N N 28  
ARG HB2  H N N 29  
ARG HB3  H N N 30  
ARG HG2  H N N 31  
ARG HG3  H N N 32  
ARG HD2  H N N 33  
ARG HD3  H N N 34  
ARG HE   H N N 35  
ARG HH11 H N N 36  
ARG HH12 H N N 37  
ARG HH21 H N N 38  
ARG HH22 H N N 39  
ARG HXT  H N N 40  
ASN N    N N N 41  
ASN CA   C N S 42  
ASN C    C N N 43  
ASN O    O N N 44  
ASN CB   C N N 45  
ASN CG   C N N 46  
ASN OD1  O N N 47  
ASN ND2  N N N 48  
ASN OXT  O N N 49  
ASN H    H N N 50  
ASN H2   H N N 51  
ASN HA   H N N 52  
ASN HB2  H N N 53  
ASN HB3  H N N 54  
ASN HD21 H N N 55  
ASN HD22 H N N 56  
ASN HXT  H N N 57  
ASP N    N N N 58  
ASP CA   C N S 59  
ASP C    C N N 60  
ASP O    O N N 61  
ASP CB   C N N 62  
ASP CG   C N N 63  
ASP OD1  O N N 64  
ASP OD2  O N N 65  
ASP OXT  O N N 66  
ASP H    H N N 67  
ASP H2   H N N 68  
ASP HA   H N N 69  
ASP HB2  H N N 70  
ASP HB3  H N N 71  
ASP HD2  H N N 72  
ASP HXT  H N N 73  
CYS N    N N N 74  
CYS CA   C N R 75  
CYS C    C N N 76  
CYS O    O N N 77  
CYS CB   C N N 78  
CYS SG   S N N 79  
CYS OXT  O N N 80  
CYS H    H N N 81  
CYS H2   H N N 82  
CYS HA   H N N 83  
CYS HB2  H N N 84  
CYS HB3  H N N 85  
CYS HG   H N N 86  
CYS HXT  H N N 87  
GLN N    N N N 88  
GLN CA   C N S 89  
GLN C    C N N 90  
GLN O    O N N 91  
GLN CB   C N N 92  
GLN CG   C N N 93  
GLN CD   C N N 94  
GLN OE1  O N N 95  
GLN NE2  N N N 96  
GLN OXT  O N N 97  
GLN H    H N N 98  
GLN H2   H N N 99  
GLN HA   H N N 100 
GLN HB2  H N N 101 
GLN HB3  H N N 102 
GLN HG2  H N N 103 
GLN HG3  H N N 104 
GLN HE21 H N N 105 
GLN HE22 H N N 106 
GLN HXT  H N N 107 
GLU N    N N N 108 
GLU CA   C N S 109 
GLU C    C N N 110 
GLU O    O N N 111 
GLU CB   C N N 112 
GLU CG   C N N 113 
GLU CD   C N N 114 
GLU OE1  O N N 115 
GLU OE2  O N N 116 
GLU OXT  O N N 117 
GLU H    H N N 118 
GLU H2   H N N 119 
GLU HA   H N N 120 
GLU HB2  H N N 121 
GLU HB3  H N N 122 
GLU HG2  H N N 123 
GLU HG3  H N N 124 
GLU HE2  H N N 125 
GLU HXT  H N N 126 
GLY N    N N N 127 
GLY CA   C N N 128 
GLY C    C N N 129 
GLY O    O N N 130 
GLY OXT  O N N 131 
GLY H    H N N 132 
GLY H2   H N N 133 
GLY HA2  H N N 134 
GLY HA3  H N N 135 
GLY HXT  H N N 136 
HIS N    N N N 137 
HIS CA   C N S 138 
HIS C    C N N 139 
HIS O    O N N 140 
HIS CB   C N N 141 
HIS CG   C Y N 142 
HIS ND1  N Y N 143 
HIS CD2  C Y N 144 
HIS CE1  C Y N 145 
HIS NE2  N Y N 146 
HIS OXT  O N N 147 
HIS H    H N N 148 
HIS H2   H N N 149 
HIS HA   H N N 150 
HIS HB2  H N N 151 
HIS HB3  H N N 152 
HIS HD1  H N N 153 
HIS HD2  H N N 154 
HIS HE1  H N N 155 
HIS HE2  H N N 156 
HIS HXT  H N N 157 
ILE N    N N N 158 
ILE CA   C N S 159 
ILE C    C N N 160 
ILE O    O N N 161 
ILE CB   C N S 162 
ILE CG1  C N N 163 
ILE CG2  C N N 164 
ILE CD1  C N N 165 
ILE OXT  O N N 166 
ILE H    H N N 167 
ILE H2   H N N 168 
ILE HA   H N N 169 
ILE HB   H N N 170 
ILE HG12 H N N 171 
ILE HG13 H N N 172 
ILE HG21 H N N 173 
ILE HG22 H N N 174 
ILE HG23 H N N 175 
ILE HD11 H N N 176 
ILE HD12 H N N 177 
ILE HD13 H N N 178 
ILE HXT  H N N 179 
LEU N    N N N 180 
LEU CA   C N S 181 
LEU C    C N N 182 
LEU O    O N N 183 
LEU CB   C N N 184 
LEU CG   C N N 185 
LEU CD1  C N N 186 
LEU CD2  C N N 187 
LEU OXT  O N N 188 
LEU H    H N N 189 
LEU H2   H N N 190 
LEU HA   H N N 191 
LEU HB2  H N N 192 
LEU HB3  H N N 193 
LEU HG   H N N 194 
LEU HD11 H N N 195 
LEU HD12 H N N 196 
LEU HD13 H N N 197 
LEU HD21 H N N 198 
LEU HD22 H N N 199 
LEU HD23 H N N 200 
LEU HXT  H N N 201 
LYS N    N N N 202 
LYS CA   C N S 203 
LYS C    C N N 204 
LYS O    O N N 205 
LYS CB   C N N 206 
LYS CG   C N N 207 
LYS CD   C N N 208 
LYS CE   C N N 209 
LYS NZ   N N N 210 
LYS OXT  O N N 211 
LYS H    H N N 212 
LYS H2   H N N 213 
LYS HA   H N N 214 
LYS HB2  H N N 215 
LYS HB3  H N N 216 
LYS HG2  H N N 217 
LYS HG3  H N N 218 
LYS HD2  H N N 219 
LYS HD3  H N N 220 
LYS HE2  H N N 221 
LYS HE3  H N N 222 
LYS HZ1  H N N 223 
LYS HZ2  H N N 224 
LYS HZ3  H N N 225 
LYS HXT  H N N 226 
MET N    N N N 227 
MET CA   C N S 228 
MET C    C N N 229 
MET O    O N N 230 
MET CB   C N N 231 
MET CG   C N N 232 
MET SD   S N N 233 
MET CE   C N N 234 
MET OXT  O N N 235 
MET H    H N N 236 
MET H2   H N N 237 
MET HA   H N N 238 
MET HB2  H N N 239 
MET HB3  H N N 240 
MET HG2  H N N 241 
MET HG3  H N N 242 
MET HE1  H N N 243 
MET HE2  H N N 244 
MET HE3  H N N 245 
MET HXT  H N N 246 
PHE N    N N N 247 
PHE CA   C N S 248 
PHE C    C N N 249 
PHE O    O N N 250 
PHE CB   C N N 251 
PHE CG   C Y N 252 
PHE CD1  C Y N 253 
PHE CD2  C Y N 254 
PHE CE1  C Y N 255 
PHE CE2  C Y N 256 
PHE CZ   C Y N 257 
PHE OXT  O N N 258 
PHE H    H N N 259 
PHE H2   H N N 260 
PHE HA   H N N 261 
PHE HB2  H N N 262 
PHE HB3  H N N 263 
PHE HD1  H N N 264 
PHE HD2  H N N 265 
PHE HE1  H N N 266 
PHE HE2  H N N 267 
PHE HZ   H N N 268 
PHE HXT  H N N 269 
PRO N    N N N 270 
PRO CA   C N S 271 
PRO C    C N N 272 
PRO O    O N N 273 
PRO CB   C N N 274 
PRO CG   C N N 275 
PRO CD   C N N 276 
PRO OXT  O N N 277 
PRO H    H N N 278 
PRO HA   H N N 279 
PRO HB2  H N N 280 
PRO HB3  H N N 281 
PRO HG2  H N N 282 
PRO HG3  H N N 283 
PRO HD2  H N N 284 
PRO HD3  H N N 285 
PRO HXT  H N N 286 
SER N    N N N 287 
SER CA   C N S 288 
SER C    C N N 289 
SER O    O N N 290 
SER CB   C N N 291 
SER OG   O N N 292 
SER OXT  O N N 293 
SER H    H N N 294 
SER H2   H N N 295 
SER HA   H N N 296 
SER HB2  H N N 297 
SER HB3  H N N 298 
SER HG   H N N 299 
SER HXT  H N N 300 
THR N    N N N 301 
THR CA   C N S 302 
THR C    C N N 303 
THR O    O N N 304 
THR CB   C N R 305 
THR OG1  O N N 306 
THR CG2  C N N 307 
THR OXT  O N N 308 
THR H    H N N 309 
THR H2   H N N 310 
THR HA   H N N 311 
THR HB   H N N 312 
THR HG1  H N N 313 
THR HG21 H N N 314 
THR HG22 H N N 315 
THR HG23 H N N 316 
THR HXT  H N N 317 
TRP N    N N N 318 
TRP CA   C N S 319 
TRP C    C N N 320 
TRP O    O N N 321 
TRP CB   C N N 322 
TRP CG   C Y N 323 
TRP CD1  C Y N 324 
TRP CD2  C Y N 325 
TRP NE1  N Y N 326 
TRP CE2  C Y N 327 
TRP CE3  C Y N 328 
TRP CZ2  C Y N 329 
TRP CZ3  C Y N 330 
TRP CH2  C Y N 331 
TRP OXT  O N N 332 
TRP H    H N N 333 
TRP H2   H N N 334 
TRP HA   H N N 335 
TRP HB2  H N N 336 
TRP HB3  H N N 337 
TRP HD1  H N N 338 
TRP HE1  H N N 339 
TRP HE3  H N N 340 
TRP HZ2  H N N 341 
TRP HZ3  H N N 342 
TRP HH2  H N N 343 
TRP HXT  H N N 344 
TYR N    N N N 345 
TYR CA   C N S 346 
TYR C    C N N 347 
TYR O    O N N 348 
TYR CB   C N N 349 
TYR CG   C Y N 350 
TYR CD1  C Y N 351 
TYR CD2  C Y N 352 
TYR CE1  C Y N 353 
TYR CE2  C Y N 354 
TYR CZ   C Y N 355 
TYR OH   O N N 356 
TYR OXT  O N N 357 
TYR H    H N N 358 
TYR H2   H N N 359 
TYR HA   H N N 360 
TYR HB2  H N N 361 
TYR HB3  H N N 362 
TYR HD1  H N N 363 
TYR HD2  H N N 364 
TYR HE1  H N N 365 
TYR HE2  H N N 366 
TYR HH   H N N 367 
TYR HXT  H N N 368 
VAL N    N N N 369 
VAL CA   C N S 370 
VAL C    C N N 371 
VAL O    O N N 372 
VAL CB   C N N 373 
VAL CG1  C N N 374 
VAL CG2  C N N 375 
VAL OXT  O N N 376 
VAL H    H N N 377 
VAL H2   H N N 378 
VAL HA   H N N 379 
VAL HB   H N N 380 
VAL HG11 H N N 381 
VAL HG12 H N N 382 
VAL HG13 H N N 383 
VAL HG21 H N N 384 
VAL HG22 H N N 385 
VAL HG23 H N N 386 
VAL HXT  H N N 387 
# 
loop_
_chem_comp_bond.comp_id 
_chem_comp_bond.atom_id_1 
_chem_comp_bond.atom_id_2 
_chem_comp_bond.value_order 
_chem_comp_bond.pdbx_aromatic_flag 
_chem_comp_bond.pdbx_stereo_config 
_chem_comp_bond.pdbx_ordinal 
ALA N   CA   sing N N 1   
ALA N   H    sing N N 2   
ALA N   H2   sing N N 3   
ALA CA  C    sing N N 4   
ALA CA  CB   sing N N 5   
ALA CA  HA   sing N N 6   
ALA C   O    doub N N 7   
ALA C   OXT  sing N N 8   
ALA CB  HB1  sing N N 9   
ALA CB  HB2  sing N N 10  
ALA CB  HB3  sing N N 11  
ALA OXT HXT  sing N N 12  
ARG N   CA   sing N N 13  
ARG N   H    sing N N 14  
ARG N   H2   sing N N 15  
ARG CA  C    sing N N 16  
ARG CA  CB   sing N N 17  
ARG CA  HA   sing N N 18  
ARG C   O    doub N N 19  
ARG C   OXT  sing N N 20  
ARG CB  CG   sing N N 21  
ARG CB  HB2  sing N N 22  
ARG CB  HB3  sing N N 23  
ARG CG  CD   sing N N 24  
ARG CG  HG2  sing N N 25  
ARG CG  HG3  sing N N 26  
ARG CD  NE   sing N N 27  
ARG CD  HD2  sing N N 28  
ARG CD  HD3  sing N N 29  
ARG NE  CZ   sing N N 30  
ARG NE  HE   sing N N 31  
ARG CZ  NH1  sing N N 32  
ARG CZ  NH2  doub N N 33  
ARG NH1 HH11 sing N N 34  
ARG NH1 HH12 sing N N 35  
ARG NH2 HH21 sing N N 36  
ARG NH2 HH22 sing N N 37  
ARG OXT HXT  sing N N 38  
ASN N   CA   sing N N 39  
ASN N   H    sing N N 40  
ASN N   H2   sing N N 41  
ASN CA  C    sing N N 42  
ASN CA  CB   sing N N 43  
ASN CA  HA   sing N N 44  
ASN C   O    doub N N 45  
ASN C   OXT  sing N N 46  
ASN CB  CG   sing N N 47  
ASN CB  HB2  sing N N 48  
ASN CB  HB3  sing N N 49  
ASN CG  OD1  doub N N 50  
ASN CG  ND2  sing N N 51  
ASN ND2 HD21 sing N N 52  
ASN ND2 HD22 sing N N 53  
ASN OXT HXT  sing N N 54  
ASP N   CA   sing N N 55  
ASP N   H    sing N N 56  
ASP N   H2   sing N N 57  
ASP CA  C    sing N N 58  
ASP CA  CB   sing N N 59  
ASP CA  HA   sing N N 60  
ASP C   O    doub N N 61  
ASP C   OXT  sing N N 62  
ASP CB  CG   sing N N 63  
ASP CB  HB2  sing N N 64  
ASP CB  HB3  sing N N 65  
ASP CG  OD1  doub N N 66  
ASP CG  OD2  sing N N 67  
ASP OD2 HD2  sing N N 68  
ASP OXT HXT  sing N N 69  
CYS N   CA   sing N N 70  
CYS N   H    sing N N 71  
CYS N   H2   sing N N 72  
CYS CA  C    sing N N 73  
CYS CA  CB   sing N N 74  
CYS CA  HA   sing N N 75  
CYS C   O    doub N N 76  
CYS C   OXT  sing N N 77  
CYS CB  SG   sing N N 78  
CYS CB  HB2  sing N N 79  
CYS CB  HB3  sing N N 80  
CYS SG  HG   sing N N 81  
CYS OXT HXT  sing N N 82  
GLN N   CA   sing N N 83  
GLN N   H    sing N N 84  
GLN N   H2   sing N N 85  
GLN CA  C    sing N N 86  
GLN CA  CB   sing N N 87  
GLN CA  HA   sing N N 88  
GLN C   O    doub N N 89  
GLN C   OXT  sing N N 90  
GLN CB  CG   sing N N 91  
GLN CB  HB2  sing N N 92  
GLN CB  HB3  sing N N 93  
GLN CG  CD   sing N N 94  
GLN CG  HG2  sing N N 95  
GLN CG  HG3  sing N N 96  
GLN CD  OE1  doub N N 97  
GLN CD  NE2  sing N N 98  
GLN NE2 HE21 sing N N 99  
GLN NE2 HE22 sing N N 100 
GLN OXT HXT  sing N N 101 
GLU N   CA   sing N N 102 
GLU N   H    sing N N 103 
GLU N   H2   sing N N 104 
GLU CA  C    sing N N 105 
GLU CA  CB   sing N N 106 
GLU CA  HA   sing N N 107 
GLU C   O    doub N N 108 
GLU C   OXT  sing N N 109 
GLU CB  CG   sing N N 110 
GLU CB  HB2  sing N N 111 
GLU CB  HB3  sing N N 112 
GLU CG  CD   sing N N 113 
GLU CG  HG2  sing N N 114 
GLU CG  HG3  sing N N 115 
GLU CD  OE1  doub N N 116 
GLU CD  OE2  sing N N 117 
GLU OE2 HE2  sing N N 118 
GLU OXT HXT  sing N N 119 
GLY N   CA   sing N N 120 
GLY N   H    sing N N 121 
GLY N   H2   sing N N 122 
GLY CA  C    sing N N 123 
GLY CA  HA2  sing N N 124 
GLY CA  HA3  sing N N 125 
GLY C   O    doub N N 126 
GLY C   OXT  sing N N 127 
GLY OXT HXT  sing N N 128 
HIS N   CA   sing N N 129 
HIS N   H    sing N N 130 
HIS N   H2   sing N N 131 
HIS CA  C    sing N N 132 
HIS CA  CB   sing N N 133 
HIS CA  HA   sing N N 134 
HIS C   O    doub N N 135 
HIS C   OXT  sing N N 136 
HIS CB  CG   sing N N 137 
HIS CB  HB2  sing N N 138 
HIS CB  HB3  sing N N 139 
HIS CG  ND1  sing Y N 140 
HIS CG  CD2  doub Y N 141 
HIS ND1 CE1  doub Y N 142 
HIS ND1 HD1  sing N N 143 
HIS CD2 NE2  sing Y N 144 
HIS CD2 HD2  sing N N 145 
HIS CE1 NE2  sing Y N 146 
HIS CE1 HE1  sing N N 147 
HIS NE2 HE2  sing N N 148 
HIS OXT HXT  sing N N 149 
ILE N   CA   sing N N 150 
ILE N   H    sing N N 151 
ILE N   H2   sing N N 152 
ILE CA  C    sing N N 153 
ILE CA  CB   sing N N 154 
ILE CA  HA   sing N N 155 
ILE C   O    doub N N 156 
ILE C   OXT  sing N N 157 
ILE CB  CG1  sing N N 158 
ILE CB  CG2  sing N N 159 
ILE CB  HB   sing N N 160 
ILE CG1 CD1  sing N N 161 
ILE CG1 HG12 sing N N 162 
ILE CG1 HG13 sing N N 163 
ILE CG2 HG21 sing N N 164 
ILE CG2 HG22 sing N N 165 
ILE CG2 HG23 sing N N 166 
ILE CD1 HD11 sing N N 167 
ILE CD1 HD12 sing N N 168 
ILE CD1 HD13 sing N N 169 
ILE OXT HXT  sing N N 170 
LEU N   CA   sing N N 171 
LEU N   H    sing N N 172 
LEU N   H2   sing N N 173 
LEU CA  C    sing N N 174 
LEU CA  CB   sing N N 175 
LEU CA  HA   sing N N 176 
LEU C   O    doub N N 177 
LEU C   OXT  sing N N 178 
LEU CB  CG   sing N N 179 
LEU CB  HB2  sing N N 180 
LEU CB  HB3  sing N N 181 
LEU CG  CD1  sing N N 182 
LEU CG  CD2  sing N N 183 
LEU CG  HG   sing N N 184 
LEU CD1 HD11 sing N N 185 
LEU CD1 HD12 sing N N 186 
LEU CD1 HD13 sing N N 187 
LEU CD2 HD21 sing N N 188 
LEU CD2 HD22 sing N N 189 
LEU CD2 HD23 sing N N 190 
LEU OXT HXT  sing N N 191 
LYS N   CA   sing N N 192 
LYS N   H    sing N N 193 
LYS N   H2   sing N N 194 
LYS CA  C    sing N N 195 
LYS CA  CB   sing N N 196 
LYS CA  HA   sing N N 197 
LYS C   O    doub N N 198 
LYS C   OXT  sing N N 199 
LYS CB  CG   sing N N 200 
LYS CB  HB2  sing N N 201 
LYS CB  HB3  sing N N 202 
LYS CG  CD   sing N N 203 
LYS CG  HG2  sing N N 204 
LYS CG  HG3  sing N N 205 
LYS CD  CE   sing N N 206 
LYS CD  HD2  sing N N 207 
LYS CD  HD3  sing N N 208 
LYS CE  NZ   sing N N 209 
LYS CE  HE2  sing N N 210 
LYS CE  HE3  sing N N 211 
LYS NZ  HZ1  sing N N 212 
LYS NZ  HZ2  sing N N 213 
LYS NZ  HZ3  sing N N 214 
LYS OXT HXT  sing N N 215 
MET N   CA   sing N N 216 
MET N   H    sing N N 217 
MET N   H2   sing N N 218 
MET CA  C    sing N N 219 
MET CA  CB   sing N N 220 
MET CA  HA   sing N N 221 
MET C   O    doub N N 222 
MET C   OXT  sing N N 223 
MET CB  CG   sing N N 224 
MET CB  HB2  sing N N 225 
MET CB  HB3  sing N N 226 
MET CG  SD   sing N N 227 
MET CG  HG2  sing N N 228 
MET CG  HG3  sing N N 229 
MET SD  CE   sing N N 230 
MET CE  HE1  sing N N 231 
MET CE  HE2  sing N N 232 
MET CE  HE3  sing N N 233 
MET OXT HXT  sing N N 234 
PHE N   CA   sing N N 235 
PHE N   H    sing N N 236 
PHE N   H2   sing N N 237 
PHE CA  C    sing N N 238 
PHE CA  CB   sing N N 239 
PHE CA  HA   sing N N 240 
PHE C   O    doub N N 241 
PHE C   OXT  sing N N 242 
PHE CB  CG   sing N N 243 
PHE CB  HB2  sing N N 244 
PHE CB  HB3  sing N N 245 
PHE CG  CD1  doub Y N 246 
PHE CG  CD2  sing Y N 247 
PHE CD1 CE1  sing Y N 248 
PHE CD1 HD1  sing N N 249 
PHE CD2 CE2  doub Y N 250 
PHE CD2 HD2  sing N N 251 
PHE CE1 CZ   doub Y N 252 
PHE CE1 HE1  sing N N 253 
PHE CE2 CZ   sing Y N 254 
PHE CE2 HE2  sing N N 255 
PHE CZ  HZ   sing N N 256 
PHE OXT HXT  sing N N 257 
PRO N   CA   sing N N 258 
PRO N   CD   sing N N 259 
PRO N   H    sing N N 260 
PRO CA  C    sing N N 261 
PRO CA  CB   sing N N 262 
PRO CA  HA   sing N N 263 
PRO C   O    doub N N 264 
PRO C   OXT  sing N N 265 
PRO CB  CG   sing N N 266 
PRO CB  HB2  sing N N 267 
PRO CB  HB3  sing N N 268 
PRO CG  CD   sing N N 269 
PRO CG  HG2  sing N N 270 
PRO CG  HG3  sing N N 271 
PRO CD  HD2  sing N N 272 
PRO CD  HD3  sing N N 273 
PRO OXT HXT  sing N N 274 
SER N   CA   sing N N 275 
SER N   H    sing N N 276 
SER N   H2   sing N N 277 
SER CA  C    sing N N 278 
SER CA  CB   sing N N 279 
SER CA  HA   sing N N 280 
SER C   O    doub N N 281 
SER C   OXT  sing N N 282 
SER CB  OG   sing N N 283 
SER CB  HB2  sing N N 284 
SER CB  HB3  sing N N 285 
SER OG  HG   sing N N 286 
SER OXT HXT  sing N N 287 
THR N   CA   sing N N 288 
THR N   H    sing N N 289 
THR N   H2   sing N N 290 
THR CA  C    sing N N 291 
THR CA  CB   sing N N 292 
THR CA  HA   sing N N 293 
THR C   O    doub N N 294 
THR C   OXT  sing N N 295 
THR CB  OG1  sing N N 296 
THR CB  CG2  sing N N 297 
THR CB  HB   sing N N 298 
THR OG1 HG1  sing N N 299 
THR CG2 HG21 sing N N 300 
THR CG2 HG22 sing N N 301 
THR CG2 HG23 sing N N 302 
THR OXT HXT  sing N N 303 
TRP N   CA   sing N N 304 
TRP N   H    sing N N 305 
TRP N   H2   sing N N 306 
TRP CA  C    sing N N 307 
TRP CA  CB   sing N N 308 
TRP CA  HA   sing N N 309 
TRP C   O    doub N N 310 
TRP C   OXT  sing N N 311 
TRP CB  CG   sing N N 312 
TRP CB  HB2  sing N N 313 
TRP CB  HB3  sing N N 314 
TRP CG  CD1  doub Y N 315 
TRP CG  CD2  sing Y N 316 
TRP CD1 NE1  sing Y N 317 
TRP CD1 HD1  sing N N 318 
TRP CD2 CE2  doub Y N 319 
TRP CD2 CE3  sing Y N 320 
TRP NE1 CE2  sing Y N 321 
TRP NE1 HE1  sing N N 322 
TRP CE2 CZ2  sing Y N 323 
TRP CE3 CZ3  doub Y N 324 
TRP CE3 HE3  sing N N 325 
TRP CZ2 CH2  doub Y N 326 
TRP CZ2 HZ2  sing N N 327 
TRP CZ3 CH2  sing Y N 328 
TRP CZ3 HZ3  sing N N 329 
TRP CH2 HH2  sing N N 330 
TRP OXT HXT  sing N N 331 
TYR N   CA   sing N N 332 
TYR N   H    sing N N 333 
TYR N   H2   sing N N 334 
TYR CA  C    sing N N 335 
TYR CA  CB   sing N N 336 
TYR CA  HA   sing N N 337 
TYR C   O    doub N N 338 
TYR C   OXT  sing N N 339 
TYR CB  CG   sing N N 340 
TYR CB  HB2  sing N N 341 
TYR CB  HB3  sing N N 342 
TYR CG  CD1  doub Y N 343 
TYR CG  CD2  sing Y N 344 
TYR CD1 CE1  sing Y N 345 
TYR CD1 HD1  sing N N 346 
TYR CD2 CE2  doub Y N 347 
TYR CD2 HD2  sing N N 348 
TYR CE1 CZ   doub Y N 349 
TYR CE1 HE1  sing N N 350 
TYR CE2 CZ   sing Y N 351 
TYR CE2 HE2  sing N N 352 
TYR CZ  OH   sing N N 353 
TYR OH  HH   sing N N 354 
TYR OXT HXT  sing N N 355 
VAL N   CA   sing N N 356 
VAL N   H    sing N N 357 
VAL N   H2   sing N N 358 
VAL CA  C    sing N N 359 
VAL CA  CB   sing N N 360 
VAL CA  HA   sing N N 361 
VAL C   O    doub N N 362 
VAL C   OXT  sing N N 363 
VAL CB  CG1  sing N N 364 
VAL CB  CG2  sing N N 365 
VAL CB  HB   sing N N 366 
VAL CG1 HG11 sing N N 367 
VAL CG1 HG12 sing N N 368 
VAL CG1 HG13 sing N N 369 
VAL CG2 HG21 sing N N 370 
VAL CG2 HG22 sing N N 371 
VAL CG2 HG23 sing N N 372 
VAL OXT HXT  sing N N 373 
# 
loop_
_pdbx_coordinate_model.asym_id 
_pdbx_coordinate_model.type 
A 'CA ATOMS ONLY' 
B 'CA ATOMS ONLY' 
# 
_atom_sites.entry_id                    1KAN 
_atom_sites.fract_transf_matrix[1][1]   0.00198514 
_atom_sites.fract_transf_matrix[1][2]   0.01116588 
_atom_sites.fract_transf_matrix[1][3]   0.00565796 
_atom_sites.fract_transf_matrix[2][1]   0.01249958 
_atom_sites.fract_transf_matrix[2][2]   -0.00146121 
_atom_sites.fract_transf_matrix[2][3]   -0.00150191 
_atom_sites.fract_transf_matrix[3][1]   -0.00024148 
_atom_sites.fract_transf_matrix[3][2]   0.00209323 
_atom_sites.fract_transf_matrix[3][3]   -0.00404622 
_atom_sites.fract_transf_vector[1]      0.453898 
_atom_sites.fract_transf_vector[2]      -0.004872 
_atom_sites.fract_transf_vector[3]      0.181158 
# 
_atom_type.symbol   C 
# 
loop_
_atom_site.group_PDB 
_atom_site.id 
_atom_site.type_symbol 
_atom_site.label_atom_id 
_atom_site.label_alt_id 
_atom_site.label_comp_id 
_atom_site.label_asym_id 
_atom_site.label_entity_id 
_atom_site.label_seq_id 
_atom_site.pdbx_PDB_ins_code 
_atom_site.Cartn_x 
_atom_site.Cartn_y 
_atom_site.Cartn_z 
_atom_site.occupancy 
_atom_site.B_iso_or_equiv 
_atom_site.pdbx_formal_charge 
_atom_site.auth_seq_id 
_atom_site.auth_comp_id 
_atom_site.auth_asym_id 
_atom_site.auth_atom_id 
_atom_site.pdbx_PDB_model_num 
ATOM 1   C CA . MET A 1 1   ? 19.545  -3.557  15.593  1.00 15.23  ? 1   MET A CA 1 
ATOM 2   C CA . ASN A 1 2   ? 21.525  -0.450  14.836  1.00 100.00 ? 2   ASN A CA 1 
ATOM 3   C CA . GLY A 1 3   ? 19.674  0.573   11.768  1.00 61.89  ? 3   GLY A CA 1 
ATOM 4   C CA . PRO A 1 4   ? 20.887  1.082   8.251   1.00 79.20  ? 4   PRO A CA 1 
ATOM 5   C CA . ILE A 1 5   ? 24.550  1.967   8.252   1.00 32.64  ? 5   ILE A CA 1 
ATOM 6   C CA . ILE A 1 6   ? 26.519  4.119   5.915   1.00 38.95  ? 6   ILE A CA 1 
ATOM 7   C CA . MET A 1 7   ? 28.158  2.460   2.997   1.00 14.23  ? 7   MET A CA 1 
ATOM 8   C CA . THR A 1 8   ? 30.033  3.158   -0.180  1.00 31.19  ? 8   THR A CA 1 
ATOM 9   C CA . ARG A 1 9   ? 28.987  2.427   -3.705  1.00 20.64  ? 9   ARG A CA 1 
ATOM 10  C CA . GLU A 1 10  ? 31.844  0.214   -3.861  1.00 59.50  ? 10  GLU A CA 1 
ATOM 11  C CA . GLU A 1 11  ? 30.993  -1.516  -0.567  1.00 38.01  ? 11  GLU A CA 1 
ATOM 12  C CA . ARG A 1 12  ? 27.627  -2.308  -2.051  1.00 1.00   ? 12  ARG A CA 1 
ATOM 13  C CA . MET A 1 13  ? 28.728  -3.713  -5.274  1.00 57.52  ? 13  MET A CA 1 
ATOM 14  C CA . LYS A 1 14  ? 30.795  -6.083  -3.223  1.00 100.00 ? 14  LYS A CA 1 
ATOM 15  C CA . ILE A 1 15  ? 27.950  -7.603  -1.472  1.00 27.32  ? 15  ILE A CA 1 
ATOM 16  C CA . VAL A 1 16  ? 26.090  -7.503  -4.702  1.00 29.01  ? 16  VAL A CA 1 
ATOM 17  C CA . HIS A 1 17  ? 28.774  -9.518  -6.157  1.00 30.39  ? 17  HIS A CA 1 
ATOM 18  C CA . GLU A 1 18  ? 29.025  -11.926 -3.343  1.00 39.26  ? 18  GLU A CA 1 
ATOM 19  C CA . ILE A 1 19  ? 25.320  -12.239 -3.850  1.00 11.30  ? 19  ILE A CA 1 
ATOM 20  C CA . LYS A 1 20  ? 25.636  -13.157 -7.434  1.00 41.56  ? 20  LYS A CA 1 
ATOM 21  C CA . GLU A 1 21  ? 28.242  -15.721 -6.406  1.00 36.33  ? 21  GLU A CA 1 
ATOM 22  C CA . ARG A 1 22  ? 25.918  -17.745 -4.277  1.00 5.42   ? 22  ARG A CA 1 
ATOM 23  C CA . ILE A 1 23  ? 23.091  -17.158 -6.707  1.00 40.99  ? 23  ILE A CA 1 
ATOM 24  C CA . LEU A 1 24  ? 24.993  -19.196 -9.100  1.00 67.83  ? 24  LEU A CA 1 
ATOM 25  C CA . ASP A 1 25  ? 26.527  -21.392 -6.508  1.00 100.00 ? 25  ASP A CA 1 
ATOM 26  C CA . LYS A 1 26  ? 23.048  -22.657 -5.534  1.00 59.47  ? 26  LYS A CA 1 
ATOM 27  C CA . TYR A 1 27  ? 21.210  -21.958 -8.717  1.00 84.78  ? 27  TYR A CA 1 
ATOM 28  C CA . GLY A 1 28  ? 23.469  -22.639 -11.629 1.00 100.00 ? 28  GLY A CA 1 
ATOM 29  C CA . ASP A 1 29  ? 22.132  -22.707 -15.255 1.00 100.00 ? 29  ASP A CA 1 
ATOM 30  C CA . ASP A 1 30  ? 18.476  -21.936 -14.247 1.00 100.00 ? 30  ASP A CA 1 
ATOM 31  C CA . VAL A 1 31  ? 19.828  -18.383 -13.839 1.00 17.74  ? 31  VAL A CA 1 
ATOM 32  C CA . LYS A 1 32  ? 19.364  -16.669 -17.199 1.00 1.00   ? 32  LYS A CA 1 
ATOM 33  C CA . ALA A 1 33  ? 20.116  -13.240 -15.560 1.00 46.16  ? 33  ALA A CA 1 
ATOM 34  C CA . ILE A 1 34  ? 21.063  -11.166 -12.562 1.00 30.07  ? 34  ILE A CA 1 
ATOM 35  C CA . GLY A 1 35  ? 20.699  -7.399  -12.230 1.00 49.88  ? 35  GLY A CA 1 
ATOM 36  C CA . VAL A 1 36  ? 20.810  -4.437  -9.835  1.00 29.33  ? 36  VAL A CA 1 
ATOM 37  C CA . TYR A 1 37  ? 18.022  -1.924  -9.810  1.00 80.54  ? 37  TYR A CA 1 
ATOM 38  C CA . GLY A 1 38  ? 16.756  1.130   -7.964  1.00 100.00 ? 38  GLY A CA 1 
ATOM 39  C CA . SER A 1 39  ? 19.313  3.549   -6.481  1.00 18.84  ? 39  SER A CA 1 
ATOM 40  C CA . LEU A 1 40  ? 22.454  1.503   -7.123  1.00 26.34  ? 40  LEU A CA 1 
ATOM 41  C CA . GLY A 1 41  ? 21.248  1.028   -10.702 1.00 38.16  ? 41  GLY A CA 1 
ATOM 42  C CA . ARG A 1 42  ? 20.818  4.732   -11.450 1.00 1.00   ? 42  ARG A CA 1 
ATOM 43  C CA . GLN A 1 43  ? 23.871  5.302   -9.350  1.00 100.00 ? 43  GLN A CA 1 
ATOM 44  C CA . THR A 1 44  ? 21.967  7.663   -7.077  1.00 100.00 ? 44  THR A CA 1 
ATOM 45  C CA . ASP A 1 45  ? 23.164  5.770   -4.102  1.00 12.98  ? 45  ASP A CA 1 
ATOM 46  C CA . GLY A 1 46  ? 22.210  7.457   -0.833  1.00 43.63  ? 46  GLY A CA 1 
ATOM 47  C CA . PRO A 1 47  ? 24.435  6.720   2.176   1.00 22.21  ? 47  PRO A CA 1 
ATOM 48  C CA . TYR A 1 48  ? 21.796  4.714   4.058   1.00 11.24  ? 48  TYR A CA 1 
ATOM 49  C CA . SER A 1 49  ? 20.444  3.126   0.832   1.00 8.17   ? 49  SER A CA 1 
ATOM 50  C CA . ASP A 1 50  ? 19.412  -0.455  -0.052  1.00 2.58   ? 50  ASP A CA 1 
ATOM 51  C CA . ILE A 1 51  ? 20.445  -3.412  -1.991  1.00 30.26  ? 51  ILE A CA 1 
ATOM 52  C CA . GLU A 1 52  ? 17.866  -4.207  -4.511  1.00 23.23  ? 52  GLU A CA 1 
ATOM 53  C CA . MET A 1 53  ? 18.354  -6.870  -7.079  1.00 11.98  ? 53  MET A CA 1 
ATOM 54  C CA . MET A 1 54  ? 16.508  -9.321  -9.125  1.00 41.95  ? 54  MET A CA 1 
ATOM 55  C CA . CYS A 1 55  ? 17.174  -12.265 -11.218 1.00 50.24  ? 55  CYS A CA 1 
ATOM 56  C CA . VAL A 1 56  ? 15.613  -14.031 -14.174 1.00 49.48  ? 56  VAL A CA 1 
ATOM 57  C CA . MET A 1 57  ? 15.398  -17.818 -13.549 1.00 18.57  ? 57  MET A CA 1 
ATOM 58  C CA . SER A 1 58  ? 14.643  -20.670 -15.953 1.00 100.00 ? 58  SER A CA 1 
ATOM 59  C CA . THR A 1 59  ? 12.213  -22.326 -13.720 1.00 100.00 ? 59  THR A CA 1 
ATOM 60  C CA . GLU A 1 60  ? 8.801   -22.415 -15.257 1.00 100.00 ? 60  GLU A CA 1 
ATOM 61  C CA . GLU A 1 61  ? 6.217   -20.750 -12.951 1.00 100.00 ? 61  GLU A CA 1 
ATOM 62  C CA . ALA A 1 62  ? 8.467   -19.622 -10.101 1.00 48.48  ? 62  ALA A CA 1 
ATOM 63  C CA . GLU A 1 63  ? 8.210   -16.255 -8.466  1.00 9.31   ? 63  GLU A CA 1 
ATOM 64  C CA . PHE A 1 64  ? 9.749   -15.626 -5.059  1.00 26.93  ? 64  PHE A CA 1 
ATOM 65  C CA . SER A 1 65  ? 12.328  -13.692 -3.160  1.00 25.97  ? 65  SER A CA 1 
ATOM 66  C CA . HIS A 1 66  ? 14.551  -13.247 -0.130  1.00 32.23  ? 66  HIS A CA 1 
ATOM 67  C CA . GLU A 1 67  ? 14.576  -10.282 2.202   1.00 2.13   ? 67  GLU A CA 1 
ATOM 68  C CA . TRP A 1 68  ? 17.109  -10.189 4.984   1.00 20.10  ? 68  TRP A CA 1 
ATOM 69  C CA . THR A 1 69  ? 19.329  -7.947  7.112   1.00 100.00 ? 69  THR A CA 1 
ATOM 70  C CA . THR A 1 70  ? 22.742  -8.166  8.736   1.00 1.00   ? 70  THR A CA 1 
ATOM 71  C CA . GLY A 1 71  ? 21.076  -5.599  10.862  1.00 1.00   ? 71  GLY A CA 1 
ATOM 72  C CA . GLU A 1 72  ? 23.666  -3.268  9.334   1.00 16.11  ? 72  GLU A CA 1 
ATOM 73  C CA . TRP A 1 73  ? 22.215  -3.348  5.951   1.00 1.00   ? 73  TRP A CA 1 
ATOM 74  C CA . LYS A 1 74  ? 19.450  -4.832  3.877   1.00 9.95   ? 74  LYS A CA 1 
ATOM 75  C CA . VAL A 1 75  ? 19.028  -6.794  0.702   1.00 33.89  ? 75  VAL A CA 1 
ATOM 76  C CA . GLU A 1 76  ? 15.907  -7.323  -1.461  1.00 17.20  ? 76  GLU A CA 1 
ATOM 77  C CA . VAL A 1 77  ? 16.420  -10.049 -4.149  1.00 61.24  ? 77  VAL A CA 1 
ATOM 78  C CA . ASN A 1 78  ? 13.669  -11.116 -6.369  1.00 6.67   ? 78  ASN A CA 1 
ATOM 79  C CA . PHE A 1 79  ? 13.589  -14.263 -8.207  1.00 52.40  ? 79  PHE A CA 1 
ATOM 80  C CA . TYR A 1 80  ? 11.503  -14.458 -11.326 1.00 16.82  ? 80  TYR A CA 1 
ATOM 81  C CA . SER A 1 81  ? 10.917  -16.375 -14.517 1.00 100.00 ? 81  SER A CA 1 
ATOM 82  C CA . GLU A 1 82  ? 11.368  -14.542 -17.823 1.00 68.88  ? 82  GLU A CA 1 
ATOM 83  C CA . GLU A 1 83  ? 7.761   -15.570 -18.150 1.00 87.14  ? 83  GLU A CA 1 
ATOM 84  C CA . ILE A 1 84  ? 6.340   -13.722 -15.221 1.00 16.26  ? 84  ILE A CA 1 
ATOM 85  C CA . LEU A 1 85  ? 8.885   -10.890 -15.345 1.00 7.92   ? 85  LEU A CA 1 
ATOM 86  C CA . LEU A 1 86  ? 7.897   -9.724  -18.738 1.00 27.02  ? 86  LEU A CA 1 
ATOM 87  C CA . ASP A 1 87  ? 4.256   -10.275 -17.965 1.00 21.54  ? 87  ASP A CA 1 
ATOM 88  C CA . TYR A 1 88  ? 4.451   -7.886  -15.033 1.00 40.67  ? 88  TYR A CA 1 
ATOM 89  C CA . ALA A 1 89  ? 6.724   -5.332  -16.635 1.00 40.69  ? 89  ALA A CA 1 
ATOM 90  C CA . SER A 1 90  ? 3.974   -4.888  -19.178 1.00 17.58  ? 90  SER A CA 1 
ATOM 91  C CA . GLN A 1 91  ? 1.440   -4.272  -16.440 1.00 43.39  ? 91  GLN A CA 1 
ATOM 92  C CA . VAL A 1 92  ? 0.361   -0.762  -15.834 1.00 14.50  ? 92  VAL A CA 1 
ATOM 93  C CA . GLU A 1 93  ? -1.253  -0.609  -12.406 1.00 1.00   ? 93  GLU A CA 1 
ATOM 94  C CA . SER A 1 94  ? -2.375  2.268   -10.117 1.00 71.87  ? 94  SER A CA 1 
ATOM 95  C CA . ASP A 1 95  ? 1.047   2.542   -8.469  1.00 36.34  ? 95  ASP A CA 1 
ATOM 96  C CA . TRP A 1 96  ? 2.899   2.103   -11.741 1.00 4.26   ? 96  TRP A CA 1 
ATOM 97  C CA . PRO A 1 97  ? 4.800   5.365   -11.664 1.00 3.49   ? 97  PRO A CA 1 
ATOM 98  C CA . LEU A 1 98  ? 6.447   4.079   -8.518  1.00 33.45  ? 98  LEU A CA 1 
ATOM 99  C CA . THR A 1 99  ? 6.526   0.411   -9.124  1.00 8.32   ? 99  THR A CA 1 
ATOM 100 C CA . HIS A 1 100 ? 7.902   0.452   -12.639 1.00 17.57  ? 100 HIS A CA 1 
ATOM 101 C CA . GLY A 1 101 ? 10.772  2.794   -11.879 1.00 22.22  ? 101 GLY A CA 1 
ATOM 102 C CA . GLN A 1 102 ? 13.046  -0.295  -11.653 1.00 8.97   ? 102 GLN A CA 1 
ATOM 103 C CA . PHE A 1 103 ? 12.562  -1.747  -15.127 1.00 36.22  ? 103 PHE A CA 1 
ATOM 104 C CA . PHE A 1 104 ? 14.205  1.519   -16.197 1.00 51.54  ? 104 PHE A CA 1 
ATOM 105 C CA . SER A 1 105 ? 17.321  1.825   -13.987 1.00 22.06  ? 105 SER A CA 1 
ATOM 106 C CA . ILE A 1 106 ? 19.005  -1.423  -14.541 1.00 37.72  ? 106 ILE A CA 1 
ATOM 107 C CA . LEU A 1 107 ? 22.319  -2.713  -13.583 1.00 9.72   ? 107 LEU A CA 1 
ATOM 108 C CA . PRO A 1 108 ? 22.950  -5.828  -15.445 1.00 40.89  ? 108 PRO A CA 1 
ATOM 109 C CA . ILE A 1 109 ? 25.425  -7.976  -13.573 1.00 1.00   ? 109 ILE A CA 1 
ATOM 110 C CA . TYR A 1 110 ? 25.176  -11.238 -15.508 1.00 51.35  ? 110 TYR A CA 1 
ATOM 111 C CA . ASP A 1 111 ? 23.174  -11.573 -18.564 1.00 71.16  ? 111 ASP A CA 1 
ATOM 112 C CA . SER A 1 112 ? 22.972  -15.022 -20.126 1.00 100.00 ? 112 SER A CA 1 
ATOM 113 C CA . GLY A 1 113 ? 21.940  -13.160 -23.289 1.00 52.47  ? 113 GLY A CA 1 
ATOM 114 C CA . GLY A 1 114 ? 19.893  -10.016 -23.981 1.00 92.91  ? 114 GLY A CA 1 
ATOM 115 C CA . TYR A 1 115 ? 17.313  -10.992 -21.249 1.00 38.47  ? 115 TYR A CA 1 
ATOM 116 C CA . LEU A 1 116 ? 17.860  -7.659  -19.411 1.00 4.77   ? 116 LEU A CA 1 
ATOM 117 C CA . GLU A 1 117 ? 17.483  -5.292  -22.242 1.00 40.72  ? 117 GLU A CA 1 
ATOM 118 C CA . LYS A 1 118 ? 14.462  -7.442  -22.959 1.00 48.86  ? 118 LYS A CA 1 
ATOM 119 C CA . VAL A 1 119 ? 12.583  -6.626  -19.768 1.00 1.00   ? 119 VAL A CA 1 
ATOM 120 C CA . TYR A 1 120 ? 13.359  -2.974  -20.313 1.00 1.00   ? 120 TYR A CA 1 
ATOM 121 C CA . GLN A 1 121 ? 12.272  -3.093  -23.934 1.00 30.38  ? 121 GLN A CA 1 
ATOM 122 C CA . THR A 1 122 ? 8.786   -4.280  -23.078 1.00 6.96   ? 122 THR A CA 1 
ATOM 123 C CA . ALA A 1 123 ? 8.992   -1.526  -20.502 1.00 42.06  ? 123 ALA A CA 1 
ATOM 124 C CA . LYS A 1 124 ? 8.674   1.490   -22.814 1.00 33.31  ? 124 LYS A CA 1 
ATOM 125 C CA . SER A 1 125 ? 6.688   -0.835  -25.003 1.00 55.61  ? 125 SER A CA 1 
ATOM 126 C CA . VAL A 1 126 ? 3.514   -0.294  -23.004 1.00 24.18  ? 126 VAL A CA 1 
ATOM 127 C CA . GLU A 1 127 ? 0.314   1.184   -24.649 1.00 1.00   ? 127 GLU A CA 1 
ATOM 128 C CA . ALA A 1 128 ? -1.876  4.196   -24.244 1.00 22.03  ? 128 ALA A CA 1 
ATOM 129 C CA . GLN A 1 129 ? -4.934  2.210   -23.396 1.00 33.36  ? 129 GLN A CA 1 
ATOM 130 C CA . LYS A 1 130 ? -3.255  0.611   -20.418 1.00 1.00   ? 130 LYS A CA 1 
ATOM 131 C CA . PHE A 1 131 ? -2.444  3.884   -18.873 1.00 1.00   ? 131 PHE A CA 1 
ATOM 132 C CA . HIS A 1 132 ? -5.876  5.077   -19.736 1.00 1.00   ? 132 HIS A CA 1 
ATOM 133 C CA . ASP A 1 133 ? -7.387  2.023   -18.056 1.00 1.00   ? 133 ASP A CA 1 
ATOM 134 C CA . ALA A 1 134 ? -5.377  2.547   -14.926 1.00 2.05   ? 134 ALA A CA 1 
ATOM 135 C CA . ILE A 1 135 ? -6.408  6.170   -14.593 1.00 6.01   ? 135 ILE A CA 1 
ATOM 136 C CA . CYS A 1 136 ? -10.041 5.353   -14.474 1.00 1.00   ? 136 CYS A CA 1 
ATOM 137 C CA . ALA A 1 137 ? -9.390  2.636   -11.956 1.00 11.29  ? 137 ALA A CA 1 
ATOM 138 C CA . LEU A 1 138 ? -7.512  5.106   -9.789  1.00 1.00   ? 138 LEU A CA 1 
ATOM 139 C CA . ILE A 1 139 ? -10.461 7.484   -9.498  1.00 2.15   ? 139 ILE A CA 1 
ATOM 140 C CA . VAL A 1 140 ? -12.979 4.905   -8.713  1.00 32.25  ? 140 VAL A CA 1 
ATOM 141 C CA . GLU A 1 141 ? -10.934 2.476   -6.754  1.00 29.01  ? 141 GLU A CA 1 
ATOM 142 C CA . GLU A 1 142 ? -9.098  4.882   -4.470  1.00 1.00   ? 142 GLU A CA 1 
ATOM 143 C CA . LEU A 1 143 ? -9.668  8.566   -4.945  1.00 5.10   ? 143 LEU A CA 1 
ATOM 144 C CA . PHE A 1 144 ? -13.339 8.127   -4.762  1.00 2.13   ? 144 PHE A CA 1 
ATOM 145 C CA . GLU A 1 145 ? -12.802 6.145   -1.437  1.00 22.32  ? 145 GLU A CA 1 
ATOM 146 C CA . TYR A 1 146 ? -10.832 9.081   -0.098  1.00 9.39   ? 146 TYR A CA 1 
ATOM 147 C CA . ALA A 1 147 ? -13.643 11.453  -0.893  1.00 36.39  ? 147 ALA A CA 1 
ATOM 148 C CA . GLY A 1 148 ? -16.141 9.676   1.215   1.00 13.39  ? 148 GLY A CA 1 
ATOM 149 C CA . LYS A 1 149 ? -13.428 9.618   3.807   1.00 14.08  ? 149 LYS A CA 1 
ATOM 150 C CA . TRP A 1 150 ? -12.662 13.280  3.942   1.00 1.00   ? 150 TRP A CA 1 
ATOM 151 C CA . ARG A 1 151 ? -16.163 14.241  3.439   1.00 22.75  ? 151 ARG A CA 1 
ATOM 152 C CA . ASN A 1 152 ? -17.146 12.048  6.398   1.00 30.60  ? 152 ASN A CA 1 
ATOM 153 C CA . ILE A 1 153 ? -14.815 13.781  8.685   1.00 4.52   ? 153 ILE A CA 1 
ATOM 154 C CA . ARG A 1 154 ? -16.310 17.268  8.052   1.00 68.47  ? 154 ARG A CA 1 
ATOM 155 C CA . VAL A 1 155 ? -19.556 15.811  9.186   1.00 100.00 ? 155 VAL A CA 1 
ATOM 156 C CA . GLN A 1 156 ? -18.564 13.393  11.967  1.00 1.00   ? 156 GLN A CA 1 
ATOM 157 C CA . GLY A 1 157 ? -15.002 12.160  11.203  1.00 100.00 ? 157 GLY A CA 1 
ATOM 158 C CA . PRO A 1 158 ? -11.930 12.547  13.436  1.00 100.00 ? 158 PRO A CA 1 
ATOM 159 C CA . THR A 1 159 ? -10.023 15.670  12.648  1.00 1.00   ? 159 THR A CA 1 
ATOM 160 C CA . THR A 1 160 ? -6.942  13.679  13.636  1.00 19.18  ? 160 THR A CA 1 
ATOM 161 C CA . PHE A 1 161 ? -6.872  11.465  10.587  1.00 1.00   ? 161 PHE A CA 1 
ATOM 162 C CA . LEU A 1 162 ? -7.026  14.387  8.267   1.00 1.00   ? 162 LEU A CA 1 
ATOM 163 C CA . PRO A 1 163 ? -3.394  15.125  7.960   1.00 65.29  ? 163 PRO A CA 1 
ATOM 164 C CA . SER A 1 164 ? -2.905  11.515  7.154   1.00 6.37   ? 164 SER A CA 1 
ATOM 165 C CA . LEU A 1 165 ? -5.600  11.091  4.598   1.00 1.00   ? 165 LEU A CA 1 
ATOM 166 C CA . THR A 1 166 ? -4.298  14.143  2.959   1.00 1.00   ? 166 THR A CA 1 
ATOM 167 C CA . VAL A 1 167 ? -0.869  12.735  2.542   1.00 14.20  ? 167 VAL A CA 1 
ATOM 168 C CA . GLN A 1 168 ? -2.648  9.732   1.122   1.00 1.00   ? 168 GLN A CA 1 
ATOM 169 C CA . VAL A 1 169 ? -4.626  11.812  -1.268  1.00 3.36   ? 169 VAL A CA 1 
ATOM 170 C CA . ALA A 1 170 ? -1.625  13.896  -2.384  1.00 1.00   ? 170 ALA A CA 1 
ATOM 171 C CA . MET A 1 171 ? 0.056   10.651  -3.431  1.00 16.66  ? 171 MET A CA 1 
ATOM 172 C CA . ALA A 1 172 ? -2.819  9.227   -5.431  1.00 6.52   ? 172 ALA A CA 1 
ATOM 173 C CA . GLY A 1 173 ? -2.522  12.413  -7.516  1.00 4.67   ? 173 GLY A CA 1 
ATOM 174 C CA . ALA A 1 174 ? 1.271   12.019  -8.092  1.00 5.78   ? 174 ALA A CA 1 
ATOM 175 C CA . MET A 1 175 ? 0.198   8.758   -9.498  1.00 1.00   ? 175 MET A CA 1 
ATOM 176 C CA . LEU A 1 176 ? -2.455  10.274  -11.693 1.00 12.52  ? 176 LEU A CA 1 
ATOM 177 C CA . ILE A 1 177 ? -0.054  12.776  -13.020 1.00 21.16  ? 177 ILE A CA 1 
ATOM 178 C CA . GLY A 1 178 ? 2.418   10.044  -13.370 1.00 1.36   ? 178 GLY A CA 1 
ATOM 179 C CA . LEU A 1 179 ? 0.167   7.915   -15.515 1.00 25.39  ? 179 LEU A CA 1 
ATOM 180 C CA . HIS A 1 180 ? -1.023  10.666  -17.734 1.00 19.23  ? 180 HIS A CA 1 
ATOM 181 C CA . HIS A 1 181 ? 2.434   11.764  -18.646 1.00 1.00   ? 181 HIS A CA 1 
ATOM 182 C CA . ARG A 1 182 ? 3.692   8.220   -18.539 1.00 1.00   ? 182 ARG A CA 1 
ATOM 183 C CA . ILE A 1 183 ? 6.333   8.853   -16.021 1.00 1.00   ? 183 ILE A CA 1 
ATOM 184 C CA . CYS A 1 184 ? 8.178   6.790   -13.594 1.00 1.00   ? 184 CYS A CA 1 
ATOM 185 C CA . TYR A 1 185 ? 9.370   8.456   -10.484 1.00 1.00   ? 185 TYR A CA 1 
ATOM 186 C CA . THR A 1 186 ? 13.000  8.155   -9.534  1.00 18.93  ? 186 THR A CA 1 
ATOM 187 C CA . THR A 1 187 ? 12.514  7.624   -5.806  1.00 1.00   ? 187 THR A CA 1 
ATOM 188 C CA . SER A 1 188 ? 9.852   8.270   -3.203  1.00 22.68  ? 188 SER A CA 1 
ATOM 189 C CA . ALA A 1 189 ? 11.172  11.477  -1.805  1.00 1.00   ? 189 ALA A CA 1 
ATOM 190 C CA . SER A 1 190 ? 11.102  12.601  -5.436  1.00 35.07  ? 190 SER A CA 1 
ATOM 191 C CA . VAL A 1 191 ? 7.434   11.827  -5.928  1.00 4.72   ? 191 VAL A CA 1 
ATOM 192 C CA . LEU A 1 192 ? 6.058   14.983  -4.581  1.00 28.26  ? 192 LEU A CA 1 
ATOM 193 C CA . THR A 1 193 ? 8.913   17.010  -6.072  1.00 35.40  ? 193 THR A CA 1 
ATOM 194 C CA . GLU A 1 194 ? 8.649   15.647  -9.637  1.00 1.82   ? 194 GLU A CA 1 
ATOM 195 C CA . ALA A 1 195 ? 4.871   15.428  -9.785  1.00 12.51  ? 195 ALA A CA 1 
ATOM 196 C CA . VAL A 1 196 ? 4.407   19.096  -8.889  1.00 4.69   ? 196 VAL A CA 1 
ATOM 197 C CA . LYS A 1 197 ? 6.890   20.187  -11.584 1.00 1.00   ? 197 LYS A CA 1 
ATOM 198 C CA . GLN A 1 198 ? 4.782   18.823  -14.275 1.00 1.00   ? 198 GLN A CA 1 
ATOM 199 C CA . SER A 1 199 ? 2.454   20.080  -16.917 1.00 1.05   ? 199 SER A CA 1 
ATOM 200 C CA . ASP A 1 200 ? -1.275  19.890  -17.358 1.00 21.53  ? 200 ASP A CA 1 
ATOM 201 C CA . LEU A 1 201 ? -1.887  19.232  -13.745 1.00 35.72  ? 201 LEU A CA 1 
ATOM 202 C CA . PRO A 1 202 ? -5.356  19.217  -12.305 1.00 1.00   ? 202 PRO A CA 1 
ATOM 203 C CA . SER A 1 203 ? -6.531  22.298  -10.425 1.00 25.32  ? 203 SER A CA 1 
ATOM 204 C CA . GLY A 1 204 ? -5.644  22.359  -6.660  1.00 47.44  ? 204 GLY A CA 1 
ATOM 205 C CA . TYR A 1 205 ? -2.782  19.901  -6.684  1.00 6.64   ? 205 TYR A CA 1 
ATOM 206 C CA . ASP A 1 206 ? -0.032  22.571  -6.529  1.00 23.45  ? 206 ASP A CA 1 
ATOM 207 C CA . HIS A 1 207 ? -1.717  23.858  -3.274  1.00 4.18   ? 207 HIS A CA 1 
ATOM 208 C CA . LEU A 1 208 ? -2.550  20.573  -1.738  1.00 1.00   ? 208 LEU A CA 1 
ATOM 209 C CA . CYS A 1 209 ? 0.990   19.266  -2.193  1.00 1.00   ? 209 CYS A CA 1 
ATOM 210 C CA . GLN A 1 210 ? 2.267   22.465  -0.745  1.00 10.48  ? 210 GLN A CA 1 
ATOM 211 C CA . PHE A 1 211 ? 0.722   21.644  2.639   1.00 1.00   ? 211 PHE A CA 1 
ATOM 212 C CA . VAL A 1 212 ? 1.758   18.108  2.314   1.00 1.00   ? 212 VAL A CA 1 
ATOM 213 C CA . MET A 1 213 ? 5.275   19.170  1.566   1.00 30.42  ? 213 MET A CA 1 
ATOM 214 C CA . SER A 1 214 ? 5.433   21.958  4.088   1.00 1.00   ? 214 SER A CA 1 
ATOM 215 C CA . GLY A 1 215 ? 4.511   19.785  7.052   1.00 1.00   ? 215 GLY A CA 1 
ATOM 216 C CA . GLN A 1 216 ? 1.829   22.283  7.529   1.00 21.66  ? 216 GLN A CA 1 
ATOM 217 C CA . LEU A 1 217 ? -1.111  19.860  8.073   1.00 1.00   ? 217 LEU A CA 1 
ATOM 218 C CA . SER A 1 218 ? -2.521  21.733  11.072  1.00 7.37   ? 218 SER A CA 1 
ATOM 219 C CA . ASP A 1 219 ? -5.301  23.915  9.624   1.00 4.74   ? 219 ASP A CA 1 
ATOM 220 C CA . SER A 1 220 ? -8.035  21.424  9.250   1.00 16.62  ? 220 SER A CA 1 
ATOM 221 C CA . GLU A 1 221 ? -10.572 23.534  7.333   1.00 51.55  ? 221 GLU A CA 1 
ATOM 222 C CA . LYS A 1 222 ? -7.910  24.579  4.821   1.00 3.34   ? 222 LYS A CA 1 
ATOM 223 C CA . LEU A 1 223 ? -7.172  21.043  3.863   1.00 1.00   ? 223 LEU A CA 1 
ATOM 224 C CA . LEU A 1 224 ? -10.744 20.036  3.553   1.00 4.27   ? 224 LEU A CA 1 
ATOM 225 C CA . GLU A 1 225 ? -11.057 23.096  1.472   1.00 2.08   ? 225 GLU A CA 1 
ATOM 226 C CA . SER A 1 226 ? -7.894  22.091  -0.293  1.00 12.38  ? 226 SER A CA 1 
ATOM 227 C CA . LEU A 1 227 ? -9.101  18.575  -1.173  1.00 1.00   ? 227 LEU A CA 1 
ATOM 228 C CA . GLU A 1 228 ? -12.508 19.525  -2.262  1.00 17.56  ? 228 GLU A CA 1 
ATOM 229 C CA . ASN A 1 229 ? -11.030 21.765  -4.960  1.00 1.00   ? 229 ASN A CA 1 
ATOM 230 C CA . PHE A 1 230 ? -8.662  19.045  -5.965  1.00 1.00   ? 230 PHE A CA 1 
ATOM 231 C CA . TRP A 1 231 ? -11.578 16.687  -6.305  1.00 1.00   ? 231 TRP A CA 1 
ATOM 232 C CA . ASN A 1 232 ? -13.469 19.176  -8.427  1.00 40.06  ? 232 ASN A CA 1 
ATOM 233 C CA . GLY A 1 233 ? -10.412 19.771  -10.536 1.00 5.32   ? 233 GLY A CA 1 
ATOM 234 C CA . ILE A 1 234 ? -9.851  16.158  -11.241 1.00 36.63  ? 234 ILE A CA 1 
ATOM 235 C CA . GLN A 1 235 ? -13.322 15.833  -12.611 1.00 21.01  ? 235 GLN A CA 1 
ATOM 236 C CA . GLU A 1 236 ? -12.720 18.575  -15.023 1.00 1.00   ? 236 GLU A CA 1 
ATOM 237 C CA . TRP A 1 237 ? -9.334  17.513  -16.091 1.00 20.80  ? 237 TRP A CA 1 
ATOM 238 C CA . THR A 1 238 ? -10.917 14.108  -16.492 1.00 2.15   ? 238 THR A CA 1 
ATOM 239 C CA . GLU A 1 239 ? -13.276 15.186  -19.252 1.00 9.50   ? 239 GLU A CA 1 
ATOM 240 C CA . ARG A 1 240 ? -10.696 17.375  -21.031 1.00 1.00   ? 240 ARG A CA 1 
ATOM 241 C CA . HIS A 1 241 ? -8.456  14.316  -21.553 1.00 19.71  ? 241 HIS A CA 1 
ATOM 242 C CA . GLY A 1 242 ? -11.048 11.508  -22.089 1.00 1.00   ? 242 GLY A CA 1 
ATOM 243 C CA . TYR A 1 243 ? -10.964 9.654   -18.810 1.00 1.00   ? 243 TYR A CA 1 
ATOM 244 C CA . ILE A 1 244 ? -14.497 8.823   -18.542 1.00 1.12   ? 244 ILE A CA 1 
ATOM 245 C CA . VAL A 1 245 ? -15.618 6.505   -15.788 1.00 58.61  ? 245 VAL A CA 1 
ATOM 246 C CA . ASP A 1 246 ? -18.703 4.509   -16.464 1.00 1.00   ? 246 ASP A CA 1 
ATOM 247 C CA . VAL A 1 247 ? -21.805 5.733   -14.650 1.00 7.75   ? 247 VAL A CA 1 
ATOM 248 C CA . SER A 1 248 ? -24.338 3.876   -16.841 1.00 1.00   ? 248 SER A CA 1 
ATOM 249 C CA . LYS A 1 249 ? -24.529 0.662   -14.719 1.00 14.21  ? 249 LYS A CA 1 
ATOM 250 C CA . ARG A 1 250 ? -26.207 0.515   -11.345 1.00 1.00   ? 250 ARG A CA 1 
ATOM 251 C CA . ILE A 1 251 ? -25.176 -3.098  -11.184 1.00 14.43  ? 251 ILE A CA 1 
ATOM 252 C CA . PRO A 1 252 ? -22.432 -3.776  -13.701 1.00 1.00   ? 252 PRO A CA 1 
ATOM 253 C CA . PHE A 1 253 ? -22.733 -7.590  -13.767 1.00 1.00   ? 253 PHE A CA 1 
ATOM 254 C CA . MET B 1 1   ? -19.469 13.166  -11.010 1.00 81.56  ? 1   MET B CA 1 
ATOM 255 C CA . ASN B 1 2   ? -20.429 14.623  -7.652  1.00 1.68   ? 2   ASN B CA 1 
ATOM 256 C CA . GLY B 1 3   ? -18.253 12.437  -5.579  1.00 12.48  ? 3   GLY B CA 1 
ATOM 257 C CA . PRO B 1 4   ? -19.883 10.466  -2.814  1.00 1.00   ? 4   PRO B CA 1 
ATOM 258 C CA . ILE B 1 5   ? -23.191 11.735  -1.471  1.00 31.17  ? 5   ILE B CA 1 
ATOM 259 C CA . ILE B 1 6   ? -24.987 11.543  1.808   1.00 17.27  ? 6   ILE B CA 1 
ATOM 260 C CA . MET B 1 7   ? -27.051 8.307   2.229   1.00 54.27  ? 7   MET B CA 1 
ATOM 261 C CA . THR B 1 8   ? -29.043 6.836   5.268   1.00 7.60   ? 8   THR B CA 1 
ATOM 262 C CA . ARG B 1 9   ? -28.265 3.234   6.258   1.00 12.19  ? 9   ARG B CA 1 
ATOM 263 C CA . GLU B 1 10  ? -31.747 2.501   4.950   1.00 23.07  ? 10  GLU B CA 1 
ATOM 264 C CA . GLU B 1 11  ? -30.857 3.693   1.447   1.00 31.88  ? 11  GLU B CA 1 
ATOM 265 C CA . ARG B 1 12  ? -27.612 1.755   1.635   1.00 1.00   ? 12  ARG B CA 1 
ATOM 266 C CA . MET B 1 13  ? -29.417 -1.471  2.390   1.00 6.90   ? 13  MET B CA 1 
ATOM 267 C CA . LYS B 1 14  ? -31.860 -1.045  -0.412  1.00 15.60  ? 14  LYS B CA 1 
ATOM 268 C CA . ILE B 1 15  ? -29.028 -1.180  -2.824  1.00 19.75  ? 15  ILE B CA 1 
ATOM 269 C CA . VAL B 1 16  ? -27.415 -3.919  -1.002  1.00 20.05  ? 16  VAL B CA 1 
ATOM 270 C CA . HIS B 1 17  ? -30.594 -5.855  -1.318  1.00 12.00  ? 17  HIS B CA 1 
ATOM 271 C CA . GLU B 1 18  ? -30.631 -5.170  -5.095  1.00 2.72   ? 18  GLU B CA 1 
ATOM 272 C CA . ILE B 1 19  ? -27.034 -6.131  -5.639  1.00 8.77   ? 19  ILE B CA 1 
ATOM 273 C CA . LYS B 1 20  ? -27.749 -9.335  -3.945  1.00 39.55  ? 20  LYS B CA 1 
ATOM 274 C CA . GLU B 1 21  ? -30.653 -10.495 -6.053  1.00 1.60   ? 21  GLU B CA 1 
ATOM 275 C CA . ARG B 1 22  ? -28.638 -9.737  -9.005  1.00 42.40  ? 22  ARG B CA 1 
ATOM 276 C CA . ILE B 1 23  ? -26.024 -11.819 -7.573  1.00 4.62   ? 23  ILE B CA 1 
ATOM 277 C CA . LEU B 1 24  ? -28.381 -14.523 -6.780  1.00 4.79   ? 24  LEU B CA 1 
ATOM 278 C CA . ASP B 1 25  ? -29.947 -14.113 -10.146 1.00 98.52  ? 25  ASP B CA 1 
ATOM 279 C CA . LYS B 1 26  ? -26.692 -13.954 -11.874 1.00 1.00   ? 26  LYS B CA 1 
ATOM 280 C CA . TYR B 1 27  ? -24.938 -16.796 -10.064 1.00 39.33  ? 27  TYR B CA 1 
ATOM 281 C CA . GLY B 1 28  ? -27.702 -19.010 -8.702  1.00 33.43  ? 28  GLY B CA 1 
ATOM 282 C CA . ASP B 1 29  ? -26.673 -22.073 -6.809  1.00 100.00 ? 29  ASP B CA 1 
ATOM 283 C CA . ASP B 1 30  ? -22.926 -21.421 -7.001  1.00 30.49  ? 30  ASP B CA 1 
ATOM 284 C CA . VAL B 1 31  ? -23.639 -18.824 -4.379  1.00 16.47  ? 31  VAL B CA 1 
ATOM 285 C CA . LYS B 1 32  ? -22.784 -20.192 -1.084  1.00 24.28  ? 32  LYS B CA 1 
ATOM 286 C CA . ALA B 1 33  ? -23.087 -16.984 0.753   1.00 1.00   ? 33  ALA B CA 1 
ATOM 287 C CA . ILE B 1 34  ? -23.113 -13.253 0.721   1.00 100.00 ? 34  ILE B CA 1 
ATOM 288 C CA . GLY B 1 35  ? -22.757 -10.580 3.302   1.00 1.00   ? 35  GLY B CA 1 
ATOM 289 C CA . VAL B 1 36  ? -21.938 -6.976  3.717   1.00 31.99  ? 36  VAL B CA 1 
ATOM 290 C CA . TYR B 1 37  ? -18.945 -5.858  5.794   1.00 16.40  ? 37  TYR B CA 1 
ATOM 291 C CA . GLY B 1 38  ? -17.137 -2.759  6.951   1.00 35.75  ? 38  GLY B CA 1 
ATOM 292 C CA . SER B 1 39  ? -19.052 0.462   7.923   1.00 41.63  ? 39  SER B CA 1 
ATOM 293 C CA . LEU B 1 40  ? -22.216 -1.243  6.942   1.00 100.00 ? 40  LEU B CA 1 
ATOM 294 C CA . GLY B 1 41  ? -21.819 -4.586  8.826   1.00 48.33  ? 41  GLY B CA 1 
ATOM 295 C CA . ARG B 1 42  ? -20.556 -2.801  11.946  1.00 14.65  ? 42  ARG B CA 1 
ATOM 296 C CA . GLN B 1 43  ? -23.219 -0.055  11.932  1.00 31.82  ? 43  GLN B CA 1 
ATOM 297 C CA . THR B 1 44  ? -20.493 2.531   12.490  1.00 83.68  ? 44  THR B CA 1 
ATOM 298 C CA . ASP B 1 45  ? -21.181 3.725   8.952   1.00 100.00 ? 45  ASP B CA 1 
ATOM 299 C CA . GLY B 1 46  ? -20.829 7.422   8.466   1.00 57.18  ? 46  GLY B CA 1 
ATOM 300 C CA . PRO B 1 47  ? -22.967 9.320   5.940   1.00 11.35  ? 47  PRO B CA 1 
ATOM 301 C CA . TYR B 1 48  ? -20.624 9.550   2.981   1.00 2.78   ? 48  TYR B CA 1 
ATOM 302 C CA . SER B 1 49  ? -19.580 6.022   3.673   1.00 32.25  ? 49  SER B CA 1 
ATOM 303 C CA . ASP B 1 50  ? -19.298 3.253   1.224   1.00 1.00   ? 50  ASP B CA 1 
ATOM 304 C CA . ILE B 1 51  ? -20.757 -0.155  0.258   1.00 15.47  ? 51  ILE B CA 1 
ATOM 305 C CA . GLU B 1 52  ? -18.541 -3.188  0.720   1.00 1.00   ? 52  GLU B CA 1 
ATOM 306 C CA . MET B 1 53  ? -19.406 -6.822  0.315   1.00 1.00   ? 53  MET B CA 1 
ATOM 307 C CA . MET B 1 54  ? -18.254 -10.254 -0.190  1.00 1.00   ? 54  MET B CA 1 
ATOM 308 C CA . CYS B 1 55  ? -19.940 -13.316 -1.321  1.00 7.71   ? 55  CYS B CA 1 
ATOM 309 C CA . VAL B 1 56  ? -18.765 -16.885 -1.033  1.00 10.79  ? 56  VAL B CA 1 
ATOM 310 C CA . MET B 1 57  ? -19.140 -18.706 -4.167  1.00 8.07   ? 57  MET B CA 1 
ATOM 311 C CA . SER B 1 58  ? -19.325 -22.388 -4.707  1.00 100.00 ? 58  SER B CA 1 
ATOM 312 C CA . THR B 1 59  ? -16.764 -22.291 -7.424  1.00 51.51  ? 59  THR B CA 1 
ATOM 313 C CA . GLU B 1 60  ? -13.271 -23.748 -7.230  1.00 100.00 ? 60  GLU B CA 1 
ATOM 314 C CA . GLU B 1 61  ? -10.054 -21.871 -7.964  1.00 100.00 ? 61  GLU B CA 1 
ATOM 315 C CA . ALA B 1 62  ? -11.954 -18.643 -8.359  1.00 47.21  ? 62  ALA B CA 1 
ATOM 316 C CA . GLU B 1 63  ? -11.566 -15.180 -6.756  1.00 8.57   ? 63  GLU B CA 1 
ATOM 317 C CA . PHE B 1 64  ? -12.607 -11.846 -8.432  1.00 1.97   ? 64  PHE B CA 1 
ATOM 318 C CA . SER B 1 65  ? -14.215 -8.467  -7.999  1.00 1.00   ? 65  SER B CA 1 
ATOM 319 C CA . HIS B 1 66  ? -16.546 -5.819  -9.321  1.00 7.85   ? 66  HIS B CA 1 
ATOM 320 C CA . GLU B 1 67  ? -15.838 -2.252  -8.375  1.00 14.41  ? 67  GLU B CA 1 
ATOM 321 C CA . TRP B 1 68  ? -18.287 0.343   -9.503  1.00 14.73  ? 68  TRP B CA 1 
ATOM 322 C CA . THR B 1 69  ? -19.604 3.782   -9.305  1.00 13.10  ? 69  THR B CA 1 
ATOM 323 C CA . THR B 1 70  ? -22.705 5.640   -10.213 1.00 7.89   ? 70  THR B CA 1 
ATOM 324 C CA . GLY B 1 71  ? -20.882 8.830   -9.637  1.00 1.99   ? 71  GLY B CA 1 
ATOM 325 C CA . GLU B 1 72  ? -23.070 9.220   -6.661  1.00 6.97   ? 72  GLU B CA 1 
ATOM 326 C CA . TRP B 1 73  ? -21.882 6.240   -4.676  1.00 1.00   ? 73  TRP B CA 1 
ATOM 327 C CA . LYS B 1 74  ? -19.512 3.272   -4.804  1.00 29.25  ? 74  LYS B CA 1 
ATOM 328 C CA . VAL B 1 75  ? -19.613 -0.517  -4.419  1.00 1.00   ? 75  VAL B CA 1 
ATOM 329 C CA . GLU B 1 76  ? -16.836 -3.073  -4.048  1.00 1.00   ? 76  GLU B CA 1 
ATOM 330 C CA . VAL B 1 77  ? -17.878 -6.732  -4.339  1.00 1.00   ? 77  VAL B CA 1 
ATOM 331 C CA . ASN B 1 78  ? -15.479 -9.620  -3.792  1.00 6.66   ? 78  ASN B CA 1 
ATOM 332 C CA . PHE B 1 79  ? -16.304 -13.114 -4.917  1.00 1.00   ? 79  PHE B CA 1 
ATOM 333 C CA . TYR B 1 80  ? -14.410 -15.882 -3.048  1.00 1.00   ? 80  TYR B CA 1 
ATOM 334 C CA . SER B 1 81  ? -14.133 -19.644 -3.387  1.00 24.62  ? 81  SER B CA 1 
ATOM 335 C CA . GLU B 1 82  ? -14.599 -21.009 0.112   1.00 71.76  ? 82  GLU B CA 1 
ATOM 336 C CA . GLU B 1 83  ? -11.354 -22.859 -0.207  1.00 98.40  ? 83  GLU B CA 1 
ATOM 337 C CA . ILE B 1 84  ? -9.815  -19.526 -0.875  1.00 59.46  ? 84  ILE B CA 1 
ATOM 338 C CA . LEU B 1 85  ? -11.745 -17.151 1.366   1.00 1.16   ? 85  LEU B CA 1 
ATOM 339 C CA . LEU B 1 86  ? -10.741 -19.341 4.331   1.00 27.19  ? 86  LEU B CA 1 
ATOM 340 C CA . ASP B 1 87  ? -7.042  -19.451 3.614   1.00 23.30  ? 87  ASP B CA 1 
ATOM 341 C CA . TYR B 1 88  ? -7.084  -15.778 3.358   1.00 21.36  ? 88  TYR B CA 1 
ATOM 342 C CA . ALA B 1 89  ? -8.841  -15.539 6.768   1.00 26.41  ? 89  ALA B CA 1 
ATOM 343 C CA . SER B 1 90  ? -6.115  -17.645 8.294   1.00 52.77  ? 90  SER B CA 1 
ATOM 344 C CA . GLN B 1 91  ? -3.322  -15.445 7.028   1.00 39.16  ? 91  GLN B CA 1 
ATOM 345 C CA . VAL B 1 92  ? -1.335  -12.803 8.862   1.00 55.28  ? 92  VAL B CA 1 
ATOM 346 C CA . GLU B 1 93  ? 0.553   -10.035 7.176   1.00 38.89  ? 93  GLU B CA 1 
ATOM 347 C CA . SER B 1 94  ? 1.814   -6.594  8.098   1.00 25.37  ? 94  SER B CA 1 
ATOM 348 C CA . ASP B 1 95  ? -1.609  -5.183  7.231   1.00 8.09   ? 95  ASP B CA 1 
ATOM 349 C CA . TRP B 1 96  ? -3.574  -7.384  9.578   1.00 10.62  ? 96  TRP B CA 1 
ATOM 350 C CA . PRO B 1 97  ? -4.619  -4.999  12.364  1.00 13.73  ? 97  PRO B CA 1 
ATOM 351 C CA . LEU B 1 98  ? -6.059  -3.148  9.437   1.00 19.47  ? 98  LEU B CA 1 
ATOM 352 C CA . THR B 1 99  ? -7.111  -5.611  6.795   1.00 1.00   ? 99  THR B CA 1 
ATOM 353 C CA . HIS B 1 100 ? -8.434  -8.665  8.597   1.00 31.91  ? 100 HIS B CA 1 
ATOM 354 C CA . GLY B 1 101 ? -10.902 -6.719  10.586  1.00 1.81   ? 101 GLY B CA 1 
ATOM 355 C CA . GLN B 1 102 ? -13.561 -7.434  8.065   1.00 49.27  ? 102 GLN B CA 1 
ATOM 356 C CA . PHE B 1 103 ? -13.773 -11.098 8.831   1.00 14.67  ? 103 PHE B CA 1 
ATOM 357 C CA . PHE B 1 104 ? -15.140 -9.790  12.150  1.00 84.18  ? 104 PHE B CA 1 
ATOM 358 C CA . SER B 1 105 ? -17.430 -6.930  11.197  1.00 96.48  ? 105 SER B CA 1 
ATOM 359 C CA . ILE B 1 106 ? -19.667 -8.984  9.022   1.00 1.77   ? 106 ILE B CA 1 
ATOM 360 C CA . LEU B 1 107 ? -23.327 -9.102  8.143   1.00 71.86  ? 107 LEU B CA 1 
ATOM 361 C CA . PRO B 1 108 ? -24.831 -12.235 6.829   1.00 65.99  ? 108 PRO B CA 1 
ATOM 362 C CA . ILE B 1 109 ? -27.038 -11.346 3.874   1.00 44.06  ? 109 ILE B CA 1 
ATOM 363 C CA . TYR B 1 110 ? -27.610 -14.727 2.527   1.00 43.28  ? 110 TYR B CA 1 
ATOM 364 C CA . ASP B 1 111 ? -26.026 -17.878 3.890   1.00 47.76  ? 111 ASP B CA 1 
ATOM 365 C CA . SER B 1 112 ? -26.454 -21.443 2.800   1.00 37.65  ? 112 SER B CA 1 
ATOM 366 C CA . GLY B 1 113 ? -24.606 -23.221 5.653   1.00 46.83  ? 113 GLY B CA 1 
ATOM 367 C CA . GLY B 1 114 ? -23.051 -20.927 8.381   1.00 100.00 ? 114 GLY B CA 1 
ATOM 368 C CA . TYR B 1 115 ? -20.416 -20.311 5.843   1.00 4.67   ? 115 TYR B CA 1 
ATOM 369 C CA . LEU B 1 116 ? -20.143 -16.884 7.282   1.00 47.64  ? 116 LEU B CA 1 
ATOM 370 C CA . GLU B 1 117 ? -20.004 -17.814 10.820  1.00 65.26  ? 117 GLU B CA 1 
ATOM 371 C CA . LYS B 1 118 ? -17.445 -20.339 9.554   1.00 13.49  ? 118 LYS B CA 1 
ATOM 372 C CA . VAL B 1 119 ? -15.275 -17.626 8.186   1.00 2.71   ? 119 VAL B CA 1 
ATOM 373 C CA . TYR B 1 120 ? -15.093 -15.675 11.354  1.00 36.05  ? 120 TYR B CA 1 
ATOM 374 C CA . GLN B 1 121 ? -14.134 -18.535 13.552  1.00 35.88  ? 121 GLN B CA 1 
ATOM 375 C CA . THR B 1 122 ? -11.313 -19.065 11.172  1.00 11.66  ? 122 THR B CA 1 
ATOM 376 C CA . ALA B 1 123 ? -9.951  -15.559 11.337  1.00 35.96  ? 123 ALA B CA 1 
ATOM 377 C CA . LYS B 1 124 ? -10.331 -15.940 15.115  1.00 67.79  ? 124 LYS B CA 1 
ATOM 378 C CA . SER B 1 125 ? -8.627  -19.319 15.481  1.00 33.03  ? 125 SER B CA 1 
ATOM 379 C CA . VAL B 1 126 ? -5.188  -18.022 14.588  1.00 42.56  ? 126 VAL B CA 1 
ATOM 380 C CA . GLU B 1 127 ? -1.818  -18.929 16.108  1.00 18.21  ? 127 GLU B CA 1 
ATOM 381 C CA . ALA B 1 128 ? 0.534   -16.613 17.867  1.00 41.49  ? 128 ALA B CA 1 
ATOM 382 C CA . GLN B 1 129 ? 3.323   -17.855 15.825  1.00 100.00 ? 129 GLN B CA 1 
ATOM 383 C CA . LYS B 1 130 ? 1.844   -16.295 12.767  1.00 2.46   ? 130 LYS B CA 1 
ATOM 384 C CA . PHE B 1 131 ? 1.716   -12.947 14.576  1.00 3.05   ? 131 PHE B CA 1 
ATOM 385 C CA . HIS B 1 132 ? 5.223   -13.269 15.848  1.00 24.94  ? 132 HIS B CA 1 
ATOM 386 C CA . ASP B 1 133 ? 6.120   -13.941 12.261  1.00 1.00   ? 133 ASP B CA 1 
ATOM 387 C CA . ALA B 1 134 ? 4.234   -10.947 11.063  1.00 22.23  ? 134 ALA B CA 1 
ATOM 388 C CA . ILE B 1 135 ? 5.928   -8.846  13.587  1.00 1.00   ? 135 ILE B CA 1 
ATOM 389 C CA . CYS B 1 136 ? 9.501   -9.714  12.604  1.00 1.00   ? 136 CYS B CA 1 
ATOM 390 C CA . ALA B 1 137 ? 9.038   -8.886  8.940   1.00 11.87  ? 137 ALA B CA 1 
ATOM 391 C CA . LEU B 1 138 ? 7.624   -5.324  9.326   1.00 4.39   ? 138 LEU B CA 1 
ATOM 392 C CA . ILE B 1 139 ? 10.815  -4.390  10.968  1.00 33.42  ? 139 ILE B CA 1 
ATOM 393 C CA . VAL B 1 140 ? 12.834  -5.905  8.234   1.00 52.91  ? 140 VAL B CA 1 
ATOM 394 C CA . GLU B 1 141 ? 10.495  -5.306  5.211   1.00 1.00   ? 141 GLU B CA 1 
ATOM 395 C CA . GLU B 1 142 ? 9.060   -1.899  6.093   1.00 1.78   ? 142 GLU B CA 1 
ATOM 396 C CA . LEU B 1 143 ? 10.587  -0.280  9.150   1.00 5.72   ? 143 LEU B CA 1 
ATOM 397 C CA . PHE B 1 144 ? 14.100  -1.083  8.170   1.00 6.98   ? 144 PHE B CA 1 
ATOM 398 C CA . GLU B 1 145 ? 13.229  0.461   4.729   1.00 1.00   ? 145 GLU B CA 1 
ATOM 399 C CA . TYR B 1 146 ? 11.924  3.622   6.557   1.00 1.00   ? 146 TYR B CA 1 
ATOM 400 C CA . ALA B 1 147 ? 14.934  4.367   8.742   1.00 14.45  ? 147 ALA B CA 1 
ATOM 401 C CA . GLY B 1 148 ? 17.202  4.415   5.709   1.00 20.64  ? 148 GLY B CA 1 
ATOM 402 C CA . LYS B 1 149 ? 14.952  7.011   4.057   1.00 1.00   ? 149 LYS B CA 1 
ATOM 403 C CA . TRP B 1 150 ? 14.812  9.381   7.010   1.00 39.89  ? 150 TRP B CA 1 
ATOM 404 C CA . ARG B 1 151 ? 18.454  8.749   7.591   1.00 43.13  ? 151 ARG B CA 1 
ATOM 405 C CA . ASN B 1 152 ? 19.343  9.746   4.049   1.00 9.18   ? 152 ASN B CA 1 
ATOM 406 C CA . ILE B 1 153 ? 17.177  12.794  4.445   1.00 3.35   ? 153 ILE B CA 1 
ATOM 407 C CA . ARG B 1 154 ? 19.371  14.014  7.321   1.00 17.64  ? 154 ARG B CA 1 
ATOM 408 C CA . VAL B 1 155 ? 22.398  13.810  5.120   1.00 100.00 ? 155 VAL B CA 1 
ATOM 409 C CA . GLN B 1 156 ? 21.127  14.754  1.712   1.00 26.06  ? 156 GLN B CA 1 
ATOM 410 C CA . GLY B 1 157 ? 17.520  13.987  1.190   1.00 13.40  ? 157 GLY B CA 1 
ATOM 411 C CA . PRO B 1 158 ? 14.649  16.180  0.512   1.00 15.08  ? 158 PRO B CA 1 
ATOM 412 C CA . THR B 1 159 ? 13.123  17.572  3.615   1.00 1.48   ? 159 THR B CA 1 
ATOM 413 C CA . THR B 1 160 ? 9.909   17.856  1.721   1.00 1.70   ? 160 THR B CA 1 
ATOM 414 C CA . PHE B 1 161 ? 9.190   14.263  1.951   1.00 33.62  ? 161 PHE B CA 1 
ATOM 415 C CA . LEU B 1 162 ? 9.638   13.904  5.620   1.00 37.27  ? 162 LEU B CA 1 
ATOM 416 C CA . PRO B 1 163 ? 6.182   14.848  6.545   1.00 3.26   ? 163 PRO B CA 1 
ATOM 417 C CA . SER B 1 164 ? 4.800   12.206  4.265   1.00 3.37   ? 164 SER B CA 1 
ATOM 418 C CA . LEU B 1 165 ? 7.332   9.723   5.558   1.00 9.67   ? 165 LEU B CA 1 
ATOM 419 C CA . THR B 1 166 ? 6.403   10.406  9.138   1.00 1.00   ? 166 THR B CA 1 
ATOM 420 C CA . VAL B 1 167 ? 2.829   9.520   8.388   1.00 1.00   ? 167 VAL B CA 1 
ATOM 421 C CA . GLN B 1 168 ? 4.024   6.351   6.746   1.00 7.15   ? 168 GLN B CA 1 
ATOM 422 C CA . VAL B 1 169 ? 6.069   5.354   9.793   1.00 18.85  ? 169 VAL B CA 1 
ATOM 423 C CA . ALA B 1 170 ? 3.375   6.288   12.337  1.00 1.00   ? 170 ALA B CA 1 
ATOM 424 C CA . MET B 1 171 ? 1.047   3.935   10.438  1.00 1.00   ? 171 MET B CA 1 
ATOM 425 C CA . ALA B 1 172 ? 3.580   1.027   10.430  1.00 1.00   ? 172 ALA B CA 1 
ATOM 426 C CA . GLY B 1 173 ? 3.861   1.372   14.167  1.00 1.00   ? 173 GLY B CA 1 
ATOM 427 C CA . ALA B 1 174 ? 0.096   1.090   14.708  1.00 16.06  ? 174 ALA B CA 1 
ATOM 428 C CA . MET B 1 175 ? 0.472   -2.057  12.810  1.00 4.64   ? 175 MET B CA 1 
ATOM 429 C CA . LEU B 1 176 ? 3.238   -3.458  14.909  1.00 22.29  ? 176 LEU B CA 1 
ATOM 430 C CA . ILE B 1 177 ? 1.147   -2.524  17.807  1.00 1.00   ? 177 ILE B CA 1 
ATOM 431 C CA . GLY B 1 178 ? -2.016  -4.095  16.555  1.00 1.00   ? 178 GLY B CA 1 
ATOM 432 C CA . LEU B 1 179 ? -0.259  -7.345  15.726  1.00 16.58  ? 179 LEU B CA 1 
ATOM 433 C CA . HIS B 1 180 ? 1.337   -7.423  19.117  1.00 16.25  ? 180 HIS B CA 1 
ATOM 434 C CA . HIS B 1 181 ? -1.955  -7.262  20.980  1.00 13.50  ? 181 HIS B CA 1 
ATOM 435 C CA . ARG B 1 182 ? -3.926  -8.827  18.152  1.00 38.15  ? 182 ARG B CA 1 
ATOM 436 C CA . ILE B 1 183 ? -6.274  -5.946  17.543  1.00 1.00   ? 183 ILE B CA 1 
ATOM 437 C CA . CYS B 1 184 ? -7.999  -5.117  14.423  1.00 100.00 ? 184 CYS B CA 1 
ATOM 438 C CA . TYR B 1 185 ? -8.777  -1.430  14.170  1.00 14.00  ? 185 TYR B CA 1 
ATOM 439 C CA . THR B 1 186 ? -12.310 -0.318  13.458  1.00 22.27  ? 186 THR B CA 1 
ATOM 440 C CA . THR B 1 187 ? -11.761 2.212   10.695  1.00 24.71  ? 187 THR B CA 1 
ATOM 441 C CA . SER B 1 188 ? -8.709  3.575   8.966   1.00 47.71  ? 188 SER B CA 1 
ATOM 442 C CA . ALA B 1 189 ? -9.501  6.841   10.701  1.00 1.00   ? 189 ALA B CA 1 
ATOM 443 C CA . SER B 1 190 ? -9.342  5.234   14.071  1.00 39.75  ? 190 SER B CA 1 
ATOM 444 C CA . VAL B 1 191 ? -5.995  3.493   13.749  1.00 40.91  ? 191 VAL B CA 1 
ATOM 445 C CA . LEU B 1 192 ? -3.773  6.052   15.140  1.00 29.34  ? 192 LEU B CA 1 
ATOM 446 C CA . THR B 1 193 ? -6.255  6.795   17.937  1.00 13.51  ? 193 THR B CA 1 
ATOM 447 C CA . GLU B 1 194 ? -6.775  3.225   18.756  1.00 1.85   ? 194 GLU B CA 1 
ATOM 448 C CA . ALA B 1 195 ? -3.089  2.778   18.414  1.00 25.71  ? 195 ALA B CA 1 
ATOM 449 C CA . VAL B 1 196 ? -2.076  5.434   20.973  1.00 13.42  ? 196 VAL B CA 1 
ATOM 450 C CA . LYS B 1 197 ? -4.675  4.144   23.422  1.00 1.80   ? 197 LYS B CA 1 
ATOM 451 C CA . GLN B 1 198 ? -2.659  1.001   24.226  1.00 49.37  ? 198 GLN B CA 1 
ATOM 452 C CA . SER B 1 199 ? -0.104  -0.339  26.576  1.00 24.31  ? 199 SER B CA 1 
ATOM 453 C CA . ASP B 1 200 ? 3.346   -1.899  26.234  1.00 15.51  ? 200 ASP B CA 1 
ATOM 454 C CA . LEU B 1 201 ? 4.157   0.734   23.687  1.00 3.97   ? 201 LEU B CA 1 
ATOM 455 C CA . PRO B 1 202 ? 7.580   1.501   22.366  1.00 6.76   ? 202 PRO B CA 1 
ATOM 456 C CA . SER B 1 203 ? 9.205   4.673   23.395  1.00 13.07  ? 203 SER B CA 1 
ATOM 457 C CA . GLY B 1 204 ? 9.025   7.450   20.905  1.00 100.00 ? 204 GLY B CA 1 
ATOM 458 C CA . TYR B 1 205 ? 5.622   6.441   19.528  1.00 1.00   ? 205 TYR B CA 1 
ATOM 459 C CA . ASP B 1 206 ? 3.082   8.484   21.529  1.00 15.45  ? 206 ASP B CA 1 
ATOM 460 C CA . HIS B 1 207 ? 5.331   11.493  20.885  1.00 14.32  ? 207 HIS B CA 1 
ATOM 461 C CA . LEU B 1 208 ? 5.634   10.739  17.166  1.00 49.69  ? 208 LEU B CA 1 
ATOM 462 C CA . CYS B 1 209 ? 2.045   9.998   16.621  1.00 1.00   ? 209 CYS B CA 1 
ATOM 463 C CA . GLN B 1 210 ? 1.207   13.432  18.081  1.00 7.19   ? 210 GLN B CA 1 
ATOM 464 C CA . PHE B 1 211 ? 3.035   15.280  15.377  1.00 1.00   ? 211 PHE B CA 1 
ATOM 465 C CA . VAL B 1 212 ? 0.984   13.035  13.078  1.00 2.13   ? 212 VAL B CA 1 
ATOM 466 C CA . MET B 1 213 ? -2.357  13.291  14.866  1.00 1.00   ? 213 MET B CA 1 
ATOM 467 C CA . SER B 1 214 ? -2.054  16.970  15.464  1.00 4.07   ? 214 SER B CA 1 
ATOM 468 C CA . GLY B 1 215 ? -0.838  18.136  12.017  1.00 1.00   ? 215 GLY B CA 1 
ATOM 469 C CA . GLN B 1 216 ? 2.508   19.525  12.989  1.00 1.00   ? 216 GLN B CA 1 
ATOM 470 C CA . LEU B 1 217 ? 4.938   18.137  10.586  1.00 1.68   ? 217 LEU B CA 1 
ATOM 471 C CA . SER B 1 218 ? 6.704   21.308  9.965   1.00 22.53  ? 218 SER B CA 1 
ATOM 472 C CA . ASP B 1 219 ? 9.711   20.824  12.319  1.00 78.00  ? 219 ASP B CA 1 
ATOM 473 C CA . SER B 1 220 ? 12.247  18.762  10.425  1.00 3.69   ? 220 SER B CA 1 
ATOM 474 C CA . GLU B 1 221 ? 14.904  18.706  13.059  1.00 25.33  ? 221 GLU B CA 1 
ATOM 475 C CA . LYS B 1 222 ? 12.297  17.473  15.532  1.00 7.90   ? 222 LYS B CA 1 
ATOM 476 C CA . LEU B 1 223 ? 10.575  14.906  13.339  1.00 2.31   ? 223 LEU B CA 1 
ATOM 477 C CA . LEU B 1 224 ? 13.985  13.330  12.768  1.00 1.00   ? 224 LEU B CA 1 
ATOM 478 C CA . GLU B 1 225 ? 14.914  13.166  16.368  1.00 8.06   ? 225 GLU B CA 1 
ATOM 479 C CA . SER B 1 226 ? 11.502  11.766  17.201  1.00 27.78  ? 226 SER B CA 1 
ATOM 480 C CA . LEU B 1 227 ? 11.883  9.389   14.361  1.00 23.04  ? 227 LEU B CA 1 
ATOM 481 C CA . GLU B 1 228 ? 15.083  8.213   15.779  1.00 33.19  ? 228 GLU B CA 1 
ATOM 482 C CA . ASN B 1 229 ? 13.789  7.730   19.343  1.00 1.65   ? 229 ASN B CA 1 
ATOM 483 C CA . PHE B 1 230 ? 11.027  5.588   18.116  1.00 1.00   ? 230 PHE B CA 1 
ATOM 484 C CA . TRP B 1 231 ? 13.477  3.417   16.281  1.00 9.63   ? 231 TRP B CA 1 
ATOM 485 C CA . ASN B 1 232 ? 15.643  2.920   19.341  1.00 16.61  ? 232 ASN B CA 1 
ATOM 486 C CA . GLY B 1 233 ? 12.391  2.383   21.036  1.00 1.00   ? 233 GLY B CA 1 
ATOM 487 C CA . ILE B 1 234 ? 11.622  -0.485  18.749  1.00 9.71   ? 234 ILE B CA 1 
ATOM 488 C CA . GLN B 1 235 ? 14.744  -2.557  19.054  1.00 78.10  ? 235 GLN B CA 1 
ATOM 489 C CA . GLU B 1 236 ? 14.286  -2.507  22.719  1.00 20.45  ? 236 GLU B CA 1 
ATOM 490 C CA . TRP B 1 237 ? 10.687  -3.472  22.857  1.00 15.59  ? 237 TRP B CA 1 
ATOM 491 C CA . THR B 1 238 ? 11.520  -6.036  20.281  1.00 46.93  ? 238 THR B CA 1 
ATOM 492 C CA . GLU B 1 239 ? 13.922  -7.959  22.412  1.00 32.03  ? 239 GLU B CA 1 
ATOM 493 C CA . ARG B 1 240 ? 11.815  -7.550  25.547  1.00 11.09  ? 240 ARG B CA 1 
ATOM 494 C CA . HIS B 1 241 ? 9.127   -9.304  23.621  1.00 9.21   ? 241 HIS B CA 1 
ATOM 495 C CA . GLY B 1 242 ? 11.511  -11.573 21.842  1.00 19.85  ? 242 GLY B CA 1 
ATOM 496 C CA . TYR B 1 243 ? 10.946  -10.486 18.353  1.00 1.00   ? 243 TYR B CA 1 
ATOM 497 C CA . ILE B 1 244 ? 14.297  -11.664 17.234  1.00 29.10  ? 244 ILE B CA 1 
ATOM 498 C CA . VAL B 1 245 ? 15.352  -10.996 13.627  1.00 28.61  ? 245 VAL B CA 1 
ATOM 499 C CA . ASP B 1 246 ? 18.203  -13.016 12.098  1.00 39.24  ? 246 ASP B CA 1 
ATOM 500 C CA . VAL B 1 247 ? 21.393  -11.037 11.581  1.00 63.39  ? 247 VAL B CA 1 
ATOM 501 C CA . SER B 1 248 ? 23.549  -14.125 11.715  1.00 100.00 ? 248 SER B CA 1 
ATOM 502 C CA . LYS B 1 249 ? 22.991  -15.121 8.076   1.00 94.58  ? 249 LYS B CA 1 
ATOM 503 C CA . ARG B 1 250 ? 24.924  -12.898 5.732   1.00 17.59  ? 250 ARG B CA 1 
ATOM 504 C CA . ILE B 1 251 ? 23.112  -14.680 2.853   1.00 25.70  ? 251 ILE B CA 1 
ATOM 505 C CA . PRO B 1 252 ? 20.172  -16.598 4.093   1.00 54.03  ? 252 PRO B CA 1 
ATOM 506 C CA . PHE B 1 253 ? 20.145  -18.918 1.057   1.00 24.67  ? 253 PHE B CA 1 
# 
